data_3EK2
#
_entry.id   3EK2
#
_cell.length_a   64.195
_cell.length_b   122.195
_cell.length_c   139.255
_cell.angle_alpha   90.00
_cell.angle_beta   90.00
_cell.angle_gamma   90.00
#
_symmetry.space_group_name_H-M   'P 21 21 21'
#
loop_
_entity.id
_entity.type
_entity.pdbx_description
1 polymer 'Enoyl-(Acyl-carrier-protein) reductase (NADH)'
2 non-polymer 'CHLORIDE ION'
3 water water
#
_entity_poly.entity_id   1
_entity_poly.type   'polypeptide(L)'
_entity_poly.pdbx_seq_one_letter_code
;MAHHHHHHMGFLDGKRILLTGLLSNRSIAYGIAKACKREGAELAFTYVGDRFKDRITEFAAEFGSELVFPCDVADDAQID
ALFASLKTHWDSLDGLVHSIGFAPREAIAGDFLDGLTRENFRIAHDISAYSFPALAKAALPMLSDDASLLTLSYLGAERA
IPNYNTMGLAKAALEASVRYLAVSLGAKGVRVNAISAGPIKTLAASGIKSFGKILDFVESNSPLKRNVTIEQVGNAGAFL
LSDLASGVTAEVMHVDSGFNAVVGGMAGLEE
;
_entity_poly.pdbx_strand_id   A,B,C,D
#
loop_
_chem_comp.id
_chem_comp.type
_chem_comp.name
_chem_comp.formula
CL non-polymer 'CHLORIDE ION' 'Cl -1'
#
# COMPACT_ATOMS: atom_id res chain seq x y z
N MET A 9 -21.81 31.50 0.50
CA MET A 9 -22.19 30.07 0.34
C MET A 9 -21.29 29.32 -0.63
N GLY A 10 -20.19 29.94 -1.09
CA GLY A 10 -19.06 29.16 -1.56
C GLY A 10 -18.60 28.30 -0.38
N PHE A 11 -18.09 27.09 -0.66
CA PHE A 11 -17.81 26.16 0.43
C PHE A 11 -16.55 26.47 1.28
N LEU A 12 -15.80 27.52 0.92
CA LEU A 12 -14.68 28.06 1.73
C LEU A 12 -14.94 29.47 2.24
N ASP A 13 -16.22 29.82 2.35
CA ASP A 13 -16.61 31.17 2.73
C ASP A 13 -15.98 31.55 4.03
N GLY A 14 -15.30 32.68 4.04
CA GLY A 14 -14.72 33.19 5.25
C GLY A 14 -13.36 32.59 5.59
N LYS A 15 -12.93 31.54 4.86
CA LYS A 15 -11.63 30.90 5.17
C LYS A 15 -10.46 31.78 4.72
N ARG A 16 -9.43 31.85 5.57
CA ARG A 16 -8.18 32.53 5.25
C ARG A 16 -7.03 31.55 4.95
N ILE A 17 -6.50 31.59 3.74
CA ILE A 17 -5.57 30.56 3.24
C ILE A 17 -4.29 31.20 2.70
N LEU A 18 -3.13 30.69 3.14
CA LEU A 18 -1.84 31.09 2.66
C LEU A 18 -1.32 30.05 1.64
N LEU A 19 -0.88 30.52 0.48
CA LEU A 19 -0.40 29.65 -0.59
C LEU A 19 1.06 29.93 -0.93
N THR A 20 1.86 28.87 -0.95
CA THR A 20 3.23 28.94 -1.37
C THR A 20 3.39 28.39 -2.80
N GLY A 21 4.45 28.80 -3.48
CA GLY A 21 4.81 28.20 -4.78
C GLY A 21 4.06 28.73 -6.01
N LEU A 22 3.39 29.88 -5.92
CA LEU A 22 2.72 30.47 -7.09
C LEU A 22 3.73 31.25 -7.93
N LEU A 23 4.16 30.66 -9.04
CA LEU A 23 5.15 31.28 -9.91
C LEU A 23 4.60 31.69 -11.27
N SER A 24 3.51 31.09 -11.71
CA SER A 24 2.93 31.41 -13.03
C SER A 24 1.47 31.02 -13.03
N ASN A 25 0.77 31.37 -14.11
CA ASN A 25 -0.63 31.04 -14.20
C ASN A 25 -0.80 29.59 -14.64
N ARG A 26 0.29 28.88 -14.82
CA ARG A 26 0.26 27.42 -15.04
C ARG A 26 0.53 26.64 -13.74
N SER A 27 0.93 27.33 -12.67
CA SER A 27 1.25 26.70 -11.37
C SER A 27 0.09 25.90 -10.77
N ILE A 28 0.43 24.79 -10.07
CA ILE A 28 -0.56 24.04 -9.31
C ILE A 28 -1.11 25.00 -8.27
N ALA A 29 -0.26 25.86 -7.71
CA ALA A 29 -0.71 26.80 -6.70
C ALA A 29 -1.73 27.80 -7.30
N TYR A 30 -1.54 28.19 -8.55
CA TYR A 30 -2.50 29.10 -9.22
C TYR A 30 -3.87 28.45 -9.35
N GLY A 31 -3.91 27.21 -9.80
CA GLY A 31 -5.18 26.48 -9.86
C GLY A 31 -5.89 26.32 -8.53
N ILE A 32 -5.12 26.01 -7.50
CA ILE A 32 -5.69 25.93 -6.15
C ILE A 32 -6.19 27.31 -5.70
N ALA A 33 -5.43 28.37 -5.98
CA ALA A 33 -5.83 29.73 -5.59
C ALA A 33 -7.13 30.10 -6.31
N LYS A 34 -7.22 29.85 -7.61
CA LYS A 34 -8.46 30.16 -8.34
C LYS A 34 -9.69 29.48 -7.74
N ALA A 35 -9.58 28.20 -7.40
CA ALA A 35 -10.70 27.43 -6.86
C ALA A 35 -11.10 27.91 -5.46
N CYS A 36 -10.09 28.23 -4.64
CA CYS A 36 -10.33 28.72 -3.30
C CYS A 36 -11.07 30.07 -3.31
N LYS A 37 -10.60 30.97 -4.19
CA LYS A 37 -11.20 32.29 -4.41
C LYS A 37 -12.63 32.13 -4.91
N ARG A 38 -12.83 31.31 -5.92
CA ARG A 38 -14.19 31.02 -6.35
C ARG A 38 -15.11 30.58 -5.21
N GLU A 39 -14.62 29.78 -4.27
CA GLU A 39 -15.45 29.27 -3.16
C GLU A 39 -15.48 30.13 -1.89
N GLY A 40 -14.94 31.33 -2.02
CA GLY A 40 -15.18 32.36 -1.05
C GLY A 40 -14.03 32.62 -0.13
N ALA A 41 -12.85 32.06 -0.40
CA ALA A 41 -11.70 32.22 0.52
C ALA A 41 -11.04 33.58 0.35
N GLU A 42 -10.38 34.07 1.41
CA GLU A 42 -9.42 35.19 1.34
C GLU A 42 -7.99 34.61 1.28
N LEU A 43 -7.15 35.11 0.39
CA LEU A 43 -5.83 34.50 0.12
C LEU A 43 -4.64 35.40 0.46
N ALA A 44 -3.51 34.77 0.85
CA ALA A 44 -2.25 35.44 1.07
C ALA A 44 -1.20 34.57 0.36
N PHE A 45 -0.08 35.16 -0.04
CA PHE A 45 0.91 34.45 -0.86
C PHE A 45 2.32 34.63 -0.37
N THR A 46 3.16 33.63 -0.63
CA THR A 46 4.58 33.78 -0.40
C THR A 46 5.34 33.88 -1.71
N TYR A 47 6.58 34.33 -1.59
CA TYR A 47 7.49 34.44 -2.74
C TYR A 47 8.92 34.32 -2.25
N VAL A 48 9.84 34.01 -3.16
CA VAL A 48 11.25 33.83 -2.87
C VAL A 48 12.05 34.88 -3.63
N GLY A 49 12.62 35.81 -2.90
CA GLY A 49 13.55 36.78 -3.45
C GLY A 49 12.87 38.08 -3.78
N ASP A 50 13.46 39.21 -3.41
CA ASP A 50 12.85 40.51 -3.75
C ASP A 50 12.63 40.70 -5.26
N ARG A 51 13.39 39.99 -6.09
CA ARG A 51 13.18 40.08 -7.55
C ARG A 51 11.86 39.49 -8.04
N PHE A 52 11.12 38.74 -7.22
CA PHE A 52 9.80 38.25 -7.60
C PHE A 52 8.67 39.02 -6.88
N LYS A 53 8.99 39.96 -6.01
CA LYS A 53 7.97 40.68 -5.23
C LYS A 53 6.90 41.36 -6.11
N ASP A 54 7.34 42.10 -7.13
CA ASP A 54 6.41 42.75 -8.05
C ASP A 54 5.51 41.72 -8.76
N ARG A 55 6.06 40.62 -9.25
CA ARG A 55 5.21 39.62 -9.92
C ARG A 55 4.20 38.90 -9.02
N ILE A 56 4.57 38.57 -7.80
CA ILE A 56 3.61 37.91 -6.90
C ILE A 56 2.57 38.95 -6.44
N THR A 57 2.99 40.21 -6.30
CA THR A 57 2.03 41.28 -5.98
C THR A 57 0.99 41.36 -7.09
N GLU A 58 1.38 41.23 -8.36
CA GLU A 58 0.40 41.23 -9.43
C GLU A 58 -0.60 40.09 -9.32
N PHE A 59 -0.10 38.86 -9.09
CA PHE A 59 -0.96 37.67 -8.96
C PHE A 59 -1.91 37.78 -7.79
N ALA A 60 -1.39 38.26 -6.66
CA ALA A 60 -2.22 38.49 -5.47
C ALA A 60 -3.38 39.41 -5.80
N ALA A 61 -3.09 40.51 -6.49
CA ALA A 61 -4.13 41.50 -6.89
C ALA A 61 -5.18 40.80 -7.75
N GLU A 62 -4.77 39.86 -8.59
CA GLU A 62 -5.70 39.09 -9.41
C GLU A 62 -6.73 38.33 -8.54
N PHE A 63 -6.33 37.91 -7.34
CA PHE A 63 -7.21 37.22 -6.41
C PHE A 63 -7.71 38.14 -5.30
N GLY A 64 -7.63 39.46 -5.52
CA GLY A 64 -8.23 40.43 -4.61
C GLY A 64 -7.45 40.53 -3.32
N SER A 65 -6.13 40.43 -3.40
CA SER A 65 -5.32 40.39 -2.19
C SER A 65 -4.13 41.32 -2.29
N GLU A 66 -3.70 41.82 -1.14
CA GLU A 66 -2.53 42.68 -1.02
C GLU A 66 -1.44 42.03 -0.15
N LEU A 67 -1.67 40.78 0.28
CA LEU A 67 -0.87 40.14 1.32
C LEU A 67 0.13 39.16 0.70
N VAL A 68 1.39 39.58 0.63
CA VAL A 68 2.49 38.81 0.10
C VAL A 68 3.68 38.94 1.07
N PHE A 69 4.45 37.88 1.20
CA PHE A 69 5.48 37.77 2.22
C PHE A 69 6.59 36.92 1.66
N PRO A 70 7.82 37.32 1.92
CA PRO A 70 8.99 36.53 1.51
C PRO A 70 9.16 35.29 2.36
N CYS A 71 9.43 34.16 1.72
CA CYS A 71 9.76 32.95 2.44
C CYS A 71 10.58 31.98 1.63
N ASP A 72 11.88 32.15 1.69
CA ASP A 72 12.85 31.14 1.26
C ASP A 72 12.94 30.10 2.37
N VAL A 73 12.39 28.90 2.13
CA VAL A 73 12.30 27.84 3.18
C VAL A 73 13.66 27.24 3.52
N ALA A 74 14.69 27.62 2.77
CA ALA A 74 16.07 27.25 3.13
C ALA A 74 16.54 28.04 4.35
N ASP A 75 15.81 29.08 4.74
CA ASP A 75 16.29 30.03 5.77
C ASP A 75 15.35 30.08 6.97
N ASP A 76 15.83 29.61 8.12
CA ASP A 76 15.06 29.67 9.36
C ASP A 76 14.49 31.06 9.70
N ALA A 77 15.26 32.11 9.44
CA ALA A 77 14.86 33.52 9.72
C ALA A 77 13.62 33.88 8.92
N GLN A 78 13.53 33.39 7.69
CA GLN A 78 12.33 33.67 6.86
C GLN A 78 11.13 32.88 7.32
N ILE A 79 11.32 31.60 7.63
CA ILE A 79 10.23 30.78 8.16
C ILE A 79 9.71 31.30 9.51
N ASP A 80 10.63 31.63 10.42
CA ASP A 80 10.29 32.19 11.74
C ASP A 80 9.64 33.61 11.65
N ALA A 81 9.94 34.41 10.63
CA ALA A 81 9.34 35.73 10.42
C ALA A 81 7.96 35.69 9.74
N LEU A 82 7.70 34.65 8.97
CA LEU A 82 6.51 34.63 8.10
C LEU A 82 5.25 34.77 8.87
N PHE A 83 5.06 33.93 9.88
CA PHE A 83 3.82 33.95 10.58
C PHE A 83 3.74 35.13 11.56
N ALA A 84 4.88 35.67 12.01
CA ALA A 84 4.84 36.94 12.80
C ALA A 84 4.31 38.09 11.95
N SER A 85 4.73 38.13 10.69
CA SER A 85 4.20 39.10 9.78
C SER A 85 2.74 38.87 9.47
N LEU A 86 2.38 37.63 9.12
CA LEU A 86 0.99 37.31 8.80
C LEU A 86 0.05 37.72 9.93
N LYS A 87 0.44 37.43 11.15
CA LYS A 87 -0.35 37.72 12.33
C LYS A 87 -0.73 39.20 12.46
N THR A 88 0.07 40.11 11.92
CA THR A 88 -0.29 41.51 11.99
C THR A 88 -1.49 41.78 11.09
N HIS A 89 -1.77 40.90 10.13
CA HIS A 89 -2.93 41.06 9.24
C HIS A 89 -4.13 40.19 9.60
N TRP A 90 -3.87 38.94 9.97
CA TRP A 90 -4.87 37.95 10.26
C TRP A 90 -4.64 37.41 11.66
N ASP A 91 -5.70 37.37 12.43
CA ASP A 91 -5.59 36.88 13.78
C ASP A 91 -5.37 35.36 13.80
N SER A 92 -5.95 34.67 12.81
CA SER A 92 -5.79 33.24 12.71
C SER A 92 -5.68 32.78 11.25
N LEU A 93 -5.11 31.60 11.07
CA LEU A 93 -4.89 31.05 9.74
C LEU A 93 -5.73 29.78 9.59
N ASP A 94 -6.46 29.65 8.49
CA ASP A 94 -7.32 28.47 8.34
C ASP A 94 -6.79 27.43 7.36
N GLY A 95 -5.90 27.82 6.49
CA GLY A 95 -5.40 26.95 5.45
C GLY A 95 -4.00 27.28 5.08
N LEU A 96 -3.24 26.25 4.75
CA LEU A 96 -1.90 26.40 4.21
C LEU A 96 -1.69 25.40 3.05
N VAL A 97 -1.16 25.89 1.94
CA VAL A 97 -0.89 25.08 0.78
C VAL A 97 0.64 25.12 0.51
N HIS A 98 1.27 23.95 0.60
CA HIS A 98 2.66 23.77 0.43
C HIS A 98 2.88 23.18 -0.95
N SER A 99 3.44 23.96 -1.85
CA SER A 99 3.57 23.53 -3.24
C SER A 99 4.92 23.98 -3.73
N ILE A 100 5.94 23.50 -3.04
CA ILE A 100 7.29 23.85 -3.31
C ILE A 100 8.13 22.56 -3.28
N GLY A 101 9.27 22.60 -3.89
CA GLY A 101 10.13 21.41 -3.93
C GLY A 101 11.22 21.69 -4.92
N PHE A 102 12.37 21.10 -4.69
CA PHE A 102 13.51 21.34 -5.53
C PHE A 102 14.49 20.19 -5.37
N ALA A 103 15.14 19.83 -6.46
CA ALA A 103 16.35 19.01 -6.37
C ALA A 103 17.29 19.46 -7.51
N PRO A 104 18.62 19.44 -7.28
CA PRO A 104 19.59 19.78 -8.33
C PRO A 104 19.35 18.95 -9.59
N ARG A 105 19.54 19.57 -10.76
CA ARG A 105 19.25 18.94 -12.06
C ARG A 105 19.75 17.51 -12.22
N GLU A 106 20.98 17.28 -11.77
CA GLU A 106 21.63 16.01 -11.99
C GLU A 106 21.02 14.94 -11.06
N ALA A 107 20.36 15.36 -10.00
CA ALA A 107 19.74 14.42 -8.99
C ALA A 107 18.36 13.89 -9.46
N ILE A 108 17.88 14.40 -10.60
CA ILE A 108 16.61 14.03 -11.18
C ILE A 108 16.75 13.78 -12.69
N ALA A 109 17.84 13.14 -13.05
CA ALA A 109 18.09 12.76 -14.44
C ALA A 109 18.93 11.53 -14.47
N GLY A 110 18.69 10.66 -15.45
CA GLY A 110 19.56 9.53 -15.71
C GLY A 110 19.57 8.53 -14.56
N ASP A 111 20.77 8.02 -14.30
CA ASP A 111 20.94 6.99 -13.32
C ASP A 111 20.83 7.57 -11.91
N PHE A 112 20.05 6.94 -11.07
CA PHE A 112 19.92 7.38 -9.66
C PHE A 112 21.31 7.50 -8.95
N LEU A 113 22.22 6.54 -9.13
CA LEU A 113 23.49 6.61 -8.36
C LEU A 113 24.47 7.66 -8.95
N ASP A 114 24.51 7.84 -10.26
CA ASP A 114 25.42 8.83 -10.84
C ASP A 114 25.09 10.24 -10.35
N GLY A 115 23.81 10.53 -10.20
CA GLY A 115 23.41 11.84 -9.75
C GLY A 115 23.36 11.98 -8.24
N LEU A 116 23.61 10.90 -7.50
CA LEU A 116 23.62 10.96 -6.04
C LEU A 116 24.88 11.59 -5.43
N THR A 117 24.67 12.61 -4.60
CA THR A 117 25.73 13.17 -3.77
C THR A 117 25.10 13.57 -2.44
N ARG A 118 25.89 13.67 -1.38
CA ARG A 118 25.39 14.04 -0.09
C ARG A 118 24.64 15.39 -0.15
N GLU A 119 25.25 16.40 -0.76
CA GLU A 119 24.64 17.71 -0.88
C GLU A 119 23.35 17.74 -1.73
N ASN A 120 23.32 17.00 -2.85
CA ASN A 120 22.09 16.85 -3.64
C ASN A 120 20.89 16.28 -2.81
N PHE A 121 21.15 15.16 -2.13
CA PHE A 121 20.25 14.53 -1.17
C PHE A 121 19.84 15.54 -0.11
N ARG A 122 20.80 16.27 0.48
CA ARG A 122 20.47 17.20 1.57
C ARG A 122 19.48 18.26 1.10
N ILE A 123 19.82 18.93 0.00
CA ILE A 123 18.99 19.98 -0.60
C ILE A 123 17.61 19.49 -0.91
N ALA A 124 17.55 18.39 -1.65
CA ALA A 124 16.26 17.84 -2.08
C ALA A 124 15.34 17.60 -0.86
N HIS A 125 15.88 17.05 0.23
CA HIS A 125 15.05 16.70 1.39
C HIS A 125 14.73 17.95 2.24
N ASP A 126 15.66 18.89 2.32
CA ASP A 126 15.48 20.16 3.07
C ASP A 126 14.34 20.99 2.45
N ILE A 127 14.38 21.19 1.14
CA ILE A 127 13.42 22.04 0.49
C ILE A 127 12.11 21.32 0.25
N SER A 128 12.14 20.04 -0.12
CA SER A 128 10.92 19.36 -0.57
C SER A 128 10.16 18.65 0.52
N ALA A 129 10.81 18.31 1.64
CA ALA A 129 10.16 17.49 2.70
C ALA A 129 10.18 18.26 4.02
N TYR A 130 11.38 18.61 4.52
CA TYR A 130 11.48 19.33 5.80
C TYR A 130 10.62 20.62 5.89
N SER A 131 10.62 21.42 4.84
CA SER A 131 9.86 22.65 4.81
C SER A 131 8.39 22.59 5.15
N PHE A 132 7.69 21.52 4.79
CA PHE A 132 6.28 21.35 5.13
C PHE A 132 6.01 21.32 6.65
N PRO A 133 6.53 20.29 7.37
CA PRO A 133 6.33 20.35 8.82
C PRO A 133 7.01 21.57 9.49
N ALA A 134 8.08 22.11 8.90
CA ALA A 134 8.69 23.32 9.43
C ALA A 134 7.73 24.50 9.42
N LEU A 135 7.00 24.64 8.31
CA LEU A 135 6.03 25.73 8.19
C LEU A 135 4.86 25.48 9.15
N ALA A 136 4.39 24.25 9.22
CA ALA A 136 3.31 23.89 10.15
C ALA A 136 3.68 24.25 11.58
N LYS A 137 4.87 23.86 12.01
CA LYS A 137 5.30 24.20 13.35
C LYS A 137 5.32 25.74 13.59
N ALA A 138 5.86 26.50 12.66
CA ALA A 138 5.88 27.98 12.80
C ALA A 138 4.50 28.60 12.77
N ALA A 139 3.57 27.94 12.08
CA ALA A 139 2.22 28.45 11.91
C ALA A 139 1.38 28.12 13.17
N LEU A 140 1.79 27.09 13.91
CA LEU A 140 0.92 26.48 14.90
C LEU A 140 0.19 27.51 15.81
N PRO A 141 0.93 28.46 16.40
CA PRO A 141 0.32 29.34 17.36
C PRO A 141 -0.82 30.16 16.82
N MET A 142 -0.89 30.36 15.50
CA MET A 142 -2.01 31.12 14.90
C MET A 142 -3.02 30.30 14.07
N LEU A 143 -2.83 28.98 14.01
CA LEU A 143 -3.76 28.13 13.28
C LEU A 143 -5.11 28.07 14.01
N SER A 144 -6.18 28.23 13.25
CA SER A 144 -7.49 27.92 13.79
C SER A 144 -7.56 26.41 14.15
N ASP A 145 -8.50 26.10 15.06
CA ASP A 145 -8.64 24.76 15.56
C ASP A 145 -9.13 23.80 14.48
N ASP A 146 -9.82 24.31 13.48
CA ASP A 146 -10.21 23.48 12.35
C ASP A 146 -9.43 23.80 11.06
N ALA A 147 -8.19 24.26 11.18
CA ALA A 147 -7.37 24.55 10.04
C ALA A 147 -7.06 23.27 9.27
N SER A 148 -6.58 23.47 8.05
CA SER A 148 -6.26 22.36 7.15
C SER A 148 -5.00 22.69 6.38
N LEU A 149 -4.07 21.73 6.36
CA LEU A 149 -2.74 21.91 5.77
C LEU A 149 -2.60 20.90 4.60
N LEU A 150 -2.15 21.37 3.45
CA LEU A 150 -2.13 20.58 2.24
C LEU A 150 -0.78 20.69 1.56
N THR A 151 -0.27 19.54 1.13
CA THR A 151 0.96 19.53 0.39
C THR A 151 0.72 18.73 -0.86
N LEU A 152 1.67 18.80 -1.76
CA LEU A 152 1.62 18.15 -3.04
C LEU A 152 2.75 17.12 -3.20
N SER A 153 2.40 15.95 -3.71
CA SER A 153 3.36 14.86 -3.91
C SER A 153 3.17 14.28 -5.30
N TYR A 154 3.86 13.18 -5.55
CA TYR A 154 3.85 12.51 -6.83
C TYR A 154 4.07 11.01 -6.67
N LEU A 155 3.51 10.25 -7.61
CA LEU A 155 3.58 8.78 -7.61
C LEU A 155 5.00 8.21 -7.48
N GLY A 156 6.01 8.99 -7.87
CA GLY A 156 7.39 8.62 -7.74
C GLY A 156 7.84 8.39 -6.29
N ALA A 157 7.05 8.86 -5.32
CA ALA A 157 7.24 8.53 -3.85
C ALA A 157 6.98 7.05 -3.60
N GLU A 158 6.07 6.48 -4.39
CA GLU A 158 5.44 5.16 -4.14
C GLU A 158 6.11 4.03 -4.94
N ARG A 159 6.50 4.36 -6.16
CA ARG A 159 7.06 3.40 -7.15
C ARG A 159 8.12 4.16 -7.90
N ALA A 160 9.11 3.45 -8.40
CA ALA A 160 10.21 4.06 -9.10
C ALA A 160 9.81 4.44 -10.52
N ILE A 161 10.01 5.72 -10.81
CA ILE A 161 9.67 6.35 -12.10
C ILE A 161 10.99 6.87 -12.66
N PRO A 162 11.24 6.61 -13.95
CA PRO A 162 12.47 7.08 -14.64
C PRO A 162 12.79 8.55 -14.41
N ASN A 163 14.04 8.84 -14.10
CA ASN A 163 14.54 10.18 -13.85
C ASN A 163 14.16 10.80 -12.48
N TYR A 164 13.13 10.31 -11.81
CA TYR A 164 12.63 11.04 -10.65
C TYR A 164 13.60 10.96 -9.48
N ASN A 165 14.24 9.78 -9.36
CA ASN A 165 15.44 9.60 -8.59
C ASN A 165 15.38 10.19 -7.14
N THR A 166 16.25 11.12 -6.82
CA THR A 166 16.36 11.66 -5.48
C THR A 166 15.06 12.37 -5.03
N MET A 167 14.30 12.92 -5.96
CA MET A 167 13.01 13.52 -5.58
C MET A 167 12.03 12.45 -5.11
N GLY A 168 12.21 11.22 -5.53
CA GLY A 168 11.31 10.14 -5.08
C GLY A 168 11.54 9.88 -3.59
N LEU A 169 12.80 9.91 -3.15
CA LEU A 169 13.10 9.71 -1.75
C LEU A 169 12.50 10.86 -0.88
N ALA A 170 12.66 12.08 -1.37
CA ALA A 170 12.16 13.26 -0.63
C ALA A 170 10.63 13.34 -0.61
N LYS A 171 9.92 12.99 -1.70
CA LYS A 171 8.48 12.86 -1.65
C LYS A 171 7.98 11.75 -0.70
N ALA A 172 8.74 10.65 -0.57
CA ALA A 172 8.37 9.61 0.41
C ALA A 172 8.46 10.13 1.86
N ALA A 173 9.47 10.93 2.12
CA ALA A 173 9.66 11.52 3.42
C ALA A 173 8.55 12.56 3.63
N LEU A 174 8.23 13.38 2.61
CA LEU A 174 7.08 14.29 2.70
C LEU A 174 5.75 13.60 3.03
N GLU A 175 5.43 12.51 2.31
CA GLU A 175 4.18 11.76 2.58
C GLU A 175 4.18 11.18 4.01
N ALA A 176 5.33 10.74 4.50
CA ALA A 176 5.40 10.31 5.89
C ALA A 176 5.12 11.47 6.86
N SER A 177 5.59 12.67 6.54
CA SER A 177 5.39 13.84 7.41
C SER A 177 3.93 14.20 7.48
N VAL A 178 3.16 13.86 6.45
CA VAL A 178 1.74 14.10 6.46
C VAL A 178 1.07 13.29 7.58
N ARG A 179 1.46 12.05 7.71
CA ARG A 179 0.89 11.16 8.75
C ARG A 179 1.35 11.59 10.15
N TYR A 180 2.65 11.81 10.34
CA TYR A 180 3.17 12.30 11.63
C TYR A 180 2.62 13.66 12.06
N LEU A 181 2.45 14.59 11.10
CA LEU A 181 1.84 15.90 11.38
C LEU A 181 0.36 15.77 11.76
N ALA A 182 -0.39 14.90 11.05
CA ALA A 182 -1.77 14.66 11.35
C ALA A 182 -1.96 14.24 12.77
N VAL A 183 -1.09 13.34 13.27
CA VAL A 183 -1.13 12.92 14.67
C VAL A 183 -0.79 14.07 15.59
N SER A 184 0.27 14.80 15.29
CA SER A 184 0.70 15.88 16.18
C SER A 184 -0.34 17.00 16.37
N LEU A 185 -0.99 17.38 15.28
CA LEU A 185 -1.88 18.52 15.23
C LEU A 185 -3.37 18.17 15.37
N GLY A 186 -3.69 16.88 15.30
CA GLY A 186 -5.07 16.41 15.21
C GLY A 186 -5.97 16.60 16.45
N ALA A 187 -5.39 16.44 17.64
CA ALA A 187 -6.13 16.64 18.89
C ALA A 187 -6.70 18.05 18.96
N LYS A 188 -5.91 19.03 18.52
CA LYS A 188 -6.37 20.41 18.39
C LYS A 188 -7.57 20.52 17.42
N GLY A 189 -7.55 19.67 16.40
CA GLY A 189 -8.59 19.67 15.33
C GLY A 189 -8.03 19.92 13.93
N VAL A 190 -6.72 20.10 13.79
CA VAL A 190 -6.15 20.51 12.49
C VAL A 190 -5.96 19.26 11.62
N ARG A 191 -6.31 19.35 10.33
CA ARG A 191 -6.20 18.23 9.39
C ARG A 191 -5.01 18.45 8.52
N VAL A 192 -4.37 17.36 8.07
CA VAL A 192 -3.15 17.43 7.24
C VAL A 192 -3.33 16.37 6.14
N ASN A 193 -3.18 16.81 4.89
CA ASN A 193 -3.35 15.92 3.74
C ASN A 193 -2.36 16.25 2.62
N ALA A 194 -2.22 15.34 1.63
CA ALA A 194 -1.42 15.58 0.46
C ALA A 194 -2.29 15.27 -0.73
N ILE A 195 -2.05 15.95 -1.85
CA ILE A 195 -2.57 15.48 -3.14
C ILE A 195 -1.37 14.89 -3.91
N SER A 196 -1.47 13.63 -4.33
CA SER A 196 -0.49 13.06 -5.27
C SER A 196 -1.01 13.34 -6.68
N ALA A 197 -0.48 14.39 -7.29
CA ALA A 197 -1.02 14.93 -8.57
C ALA A 197 -0.33 14.22 -9.73
N GLY A 198 -1.07 13.99 -10.82
CA GLY A 198 -0.45 13.46 -12.02
C GLY A 198 0.37 14.55 -12.67
N PRO A 199 1.16 14.20 -13.70
CA PRO A 199 1.90 15.20 -14.46
C PRO A 199 0.95 16.17 -15.17
N ILE A 200 1.36 17.44 -15.27
CA ILE A 200 0.54 18.45 -15.96
C ILE A 200 1.22 19.03 -17.22
N SER A 206 6.67 24.33 -21.72
CA SER A 206 7.61 23.53 -20.91
C SER A 206 8.70 22.81 -21.72
N GLY A 207 8.33 21.98 -22.71
CA GLY A 207 9.29 21.45 -23.72
C GLY A 207 10.32 20.38 -23.30
N ILE A 208 10.16 19.85 -22.08
CA ILE A 208 11.10 18.89 -21.52
C ILE A 208 10.80 17.50 -22.16
N LYS A 209 11.71 16.99 -22.98
CA LYS A 209 11.39 15.84 -23.81
C LYS A 209 10.96 14.59 -23.04
N SER A 210 11.75 14.23 -22.03
CA SER A 210 11.45 13.04 -21.25
C SER A 210 10.15 13.22 -20.45
N PHE A 211 9.85 14.44 -19.99
CA PHE A 211 8.57 14.72 -19.32
C PHE A 211 7.40 14.62 -20.30
N GLY A 212 7.62 15.06 -21.53
CA GLY A 212 6.62 14.86 -22.58
C GLY A 212 6.26 13.41 -22.81
N LYS A 213 7.25 12.52 -22.72
CA LYS A 213 6.99 11.08 -22.79
C LYS A 213 6.11 10.55 -21.64
N ILE A 214 6.28 11.09 -20.43
CA ILE A 214 5.45 10.69 -19.30
C ILE A 214 4.01 11.14 -19.56
N LEU A 215 3.84 12.41 -19.96
CA LEU A 215 2.52 12.95 -20.32
C LEU A 215 1.79 12.10 -21.39
N ASP A 216 2.50 11.71 -22.45
CA ASP A 216 1.92 10.84 -23.49
C ASP A 216 1.51 9.48 -22.95
N PHE A 217 2.35 8.90 -22.10
CA PHE A 217 2.11 7.56 -21.53
C PHE A 217 0.90 7.58 -20.64
N VAL A 218 0.81 8.61 -19.81
CA VAL A 218 -0.33 8.75 -18.89
C VAL A 218 -1.62 9.00 -19.68
N GLU A 219 -1.59 9.80 -20.73
CA GLU A 219 -2.79 10.03 -21.57
C GLU A 219 -3.27 8.72 -22.23
N SER A 220 -2.34 7.85 -22.68
CA SER A 220 -2.76 6.64 -23.32
C SER A 220 -3.13 5.54 -22.34
N ASN A 221 -2.60 5.57 -21.14
CA ASN A 221 -2.72 4.43 -20.22
C ASN A 221 -3.52 4.67 -18.95
N SER A 222 -3.76 5.93 -18.59
CA SER A 222 -4.61 6.20 -17.44
C SER A 222 -6.08 5.69 -17.66
N PRO A 223 -6.82 5.38 -16.59
CA PRO A 223 -8.20 4.96 -16.82
C PRO A 223 -9.09 5.98 -17.60
N LEU A 224 -8.88 7.27 -17.36
CA LEU A 224 -9.63 8.32 -18.00
C LEU A 224 -9.02 8.79 -19.34
N LYS A 225 -7.91 8.19 -19.73
CA LYS A 225 -7.25 8.48 -20.97
C LYS A 225 -7.01 9.97 -21.16
N ARG A 226 -6.59 10.67 -20.12
CA ARG A 226 -6.31 12.08 -20.23
C ARG A 226 -5.41 12.42 -19.07
N ASN A 227 -4.60 13.45 -19.26
CA ASN A 227 -3.84 14.05 -18.16
C ASN A 227 -4.70 14.98 -17.32
N VAL A 228 -4.34 15.12 -16.05
CA VAL A 228 -5.06 16.02 -15.17
C VAL A 228 -4.68 17.46 -15.44
N THR A 229 -5.56 18.37 -15.01
CA THR A 229 -5.36 19.81 -15.20
C THR A 229 -5.21 20.48 -13.85
N ILE A 230 -4.63 21.68 -13.82
CA ILE A 230 -4.57 22.46 -12.58
C ILE A 230 -5.92 22.79 -12.03
N GLU A 231 -6.94 22.87 -12.90
CA GLU A 231 -8.33 23.05 -12.44
C GLU A 231 -8.86 21.85 -11.61
N GLN A 232 -8.51 20.63 -12.05
CA GLN A 232 -8.94 19.41 -11.37
C GLN A 232 -8.17 19.25 -10.05
N VAL A 233 -6.88 19.53 -10.09
CA VAL A 233 -6.07 19.51 -8.87
C VAL A 233 -6.52 20.62 -7.93
N GLY A 234 -6.84 21.79 -8.48
CA GLY A 234 -7.34 22.95 -7.70
C GLY A 234 -8.59 22.68 -6.92
N ASN A 235 -9.57 22.05 -7.58
CA ASN A 235 -10.82 21.69 -6.95
C ASN A 235 -10.67 20.65 -5.83
N ALA A 236 -9.82 19.65 -6.04
CA ALA A 236 -9.55 18.62 -5.03
C ALA A 236 -8.94 19.29 -3.82
N GLY A 237 -7.97 20.14 -4.07
CA GLY A 237 -7.29 20.93 -3.04
C GLY A 237 -8.30 21.84 -2.29
N ALA A 238 -9.17 22.54 -3.03
CA ALA A 238 -10.21 23.39 -2.39
C ALA A 238 -11.09 22.55 -1.48
N PHE A 239 -11.46 21.34 -1.94
CA PHE A 239 -12.22 20.39 -1.12
C PHE A 239 -11.43 20.02 0.17
N LEU A 240 -10.18 19.61 0.07
CA LEU A 240 -9.44 19.13 1.26
C LEU A 240 -9.22 20.29 2.25
N LEU A 241 -9.14 21.51 1.72
CA LEU A 241 -9.01 22.73 2.54
C LEU A 241 -10.29 23.08 3.31
N SER A 242 -11.45 22.53 2.93
CA SER A 242 -12.77 22.99 3.41
C SER A 242 -13.37 22.07 4.46
N ASP A 243 -14.42 22.55 5.12
CA ASP A 243 -15.14 21.74 6.10
C ASP A 243 -15.90 20.54 5.47
N LEU A 244 -16.13 20.55 4.16
CA LEU A 244 -16.66 19.37 3.49
C LEU A 244 -15.73 18.15 3.70
N ALA A 245 -14.42 18.38 3.86
CA ALA A 245 -13.43 17.32 4.11
C ALA A 245 -13.09 17.14 5.58
N SER A 246 -14.00 17.52 6.45
CA SER A 246 -13.71 17.49 7.89
C SER A 246 -13.45 16.10 8.46
N GLY A 247 -13.91 15.03 7.81
CA GLY A 247 -13.55 13.69 8.23
C GLY A 247 -12.25 13.13 7.67
N VAL A 248 -11.54 13.93 6.85
CA VAL A 248 -10.35 13.46 6.12
C VAL A 248 -9.06 14.08 6.63
N THR A 249 -8.17 13.22 7.13
CA THR A 249 -6.81 13.63 7.55
C THR A 249 -5.85 12.45 7.37
N ALA A 250 -4.57 12.79 7.25
CA ALA A 250 -3.50 11.83 7.06
C ALA A 250 -3.61 11.09 5.69
N GLU A 251 -4.25 11.74 4.73
CA GLU A 251 -4.58 11.11 3.46
C GLU A 251 -3.66 11.58 2.36
N VAL A 252 -3.22 10.65 1.52
CA VAL A 252 -2.57 10.97 0.24
C VAL A 252 -3.57 10.67 -0.89
N MET A 253 -4.23 11.72 -1.39
CA MET A 253 -5.28 11.57 -2.38
C MET A 253 -4.71 11.68 -3.78
N HIS A 254 -4.96 10.67 -4.60
CA HIS A 254 -4.46 10.69 -5.97
C HIS A 254 -5.39 11.52 -6.82
N VAL A 255 -4.87 12.55 -7.46
CA VAL A 255 -5.62 13.28 -8.48
C VAL A 255 -4.78 13.16 -9.77
N ASP A 256 -4.95 12.05 -10.48
CA ASP A 256 -4.05 11.65 -11.58
C ASP A 256 -4.76 10.80 -12.66
N SER A 257 -6.05 11.04 -12.87
CA SER A 257 -6.91 10.26 -13.82
C SER A 257 -6.91 8.74 -13.59
N GLY A 258 -6.58 8.32 -12.37
CA GLY A 258 -6.53 6.92 -11.99
C GLY A 258 -5.25 6.18 -12.33
N PHE A 259 -4.25 6.91 -12.79
CA PHE A 259 -3.02 6.30 -13.30
C PHE A 259 -2.29 5.43 -12.26
N ASN A 260 -2.30 5.85 -11.00
CA ASN A 260 -1.54 5.08 -9.98
C ASN A 260 -2.12 3.67 -9.80
N ALA A 261 -3.37 3.47 -10.22
CA ALA A 261 -4.06 2.23 -9.94
C ALA A 261 -3.93 1.17 -11.01
N VAL A 262 -3.21 1.43 -12.10
CA VAL A 262 -3.12 0.47 -13.20
C VAL A 262 -1.68 0.02 -13.43
N VAL A 263 -1.51 -1.08 -14.14
CA VAL A 263 -0.19 -1.40 -14.71
C VAL A 263 -0.26 -1.10 -16.18
N GLY A 264 0.22 0.06 -16.58
CA GLY A 264 0.04 0.59 -17.93
C GLY A 264 1.05 0.03 -18.91
N GLY A 265 0.67 0.03 -20.19
CA GLY A 265 1.62 -0.22 -21.27
C GLY A 265 1.75 -1.62 -21.79
N MET A 266 0.94 -2.56 -21.31
CA MET A 266 1.12 -3.99 -21.70
C MET A 266 0.10 -4.55 -22.70
N MET B 9 27.83 -26.96 1.62
CA MET B 9 26.37 -27.15 1.48
C MET B 9 25.56 -26.00 2.13
N GLY B 10 26.19 -25.05 2.83
CA GLY B 10 25.44 -23.88 3.35
C GLY B 10 24.95 -23.04 2.17
N PHE B 11 23.77 -22.40 2.27
CA PHE B 11 23.19 -21.69 1.10
C PHE B 11 23.89 -20.34 0.82
N LEU B 12 24.85 -19.95 1.65
CA LEU B 12 25.66 -18.74 1.38
C LEU B 12 27.15 -19.12 1.18
N ASP B 13 27.41 -20.37 0.80
CA ASP B 13 28.78 -20.83 0.71
C ASP B 13 29.60 -20.02 -0.25
N GLY B 14 30.71 -19.51 0.23
CA GLY B 14 31.60 -18.70 -0.58
C GLY B 14 31.30 -17.20 -0.60
N LYS B 15 30.12 -16.79 -0.12
CA LYS B 15 29.67 -15.43 -0.28
C LYS B 15 30.46 -14.53 0.64
N ARG B 16 30.93 -13.40 0.13
CA ARG B 16 31.66 -12.41 0.93
C ARG B 16 30.77 -11.20 1.29
N ILE B 17 30.50 -11.04 2.57
CA ILE B 17 29.46 -10.10 3.04
C ILE B 17 30.01 -9.15 4.08
N LEU B 18 29.73 -7.86 3.90
CA LEU B 18 30.12 -6.79 4.79
C LEU B 18 28.92 -6.34 5.62
N LEU B 19 29.06 -6.30 6.95
CA LEU B 19 27.99 -5.92 7.86
C LEU B 19 28.29 -4.66 8.65
N THR B 20 27.36 -3.73 8.61
CA THR B 20 27.42 -2.52 9.41
C THR B 20 26.51 -2.69 10.62
N GLY B 21 26.73 -1.87 11.65
CA GLY B 21 25.81 -1.80 12.76
C GLY B 21 25.92 -2.83 13.87
N LEU B 22 26.95 -3.67 13.89
CA LEU B 22 27.11 -4.67 14.97
C LEU B 22 27.73 -4.00 16.19
N LEU B 23 26.89 -3.69 17.17
CA LEU B 23 27.32 -3.03 18.41
C LEU B 23 27.33 -3.96 19.64
N SER B 24 26.52 -5.00 19.63
CA SER B 24 26.42 -5.92 20.77
C SER B 24 25.81 -7.21 20.29
N ASN B 25 25.75 -8.21 21.17
CA ASN B 25 25.04 -9.49 20.87
C ASN B 25 23.51 -9.35 20.74
N ARG B 26 22.97 -8.20 21.10
CA ARG B 26 21.56 -7.95 20.85
C ARG B 26 21.27 -7.20 19.53
N SER B 27 22.28 -6.72 18.82
CA SER B 27 22.07 -6.05 17.54
C SER B 27 21.43 -6.96 16.49
N ILE B 28 20.57 -6.38 15.65
CA ILE B 28 20.06 -7.10 14.49
C ILE B 28 21.20 -7.62 13.63
N ALA B 29 22.28 -6.82 13.50
CA ALA B 29 23.44 -7.25 12.68
C ALA B 29 24.13 -8.50 13.23
N TYR B 30 24.06 -8.70 14.54
CA TYR B 30 24.66 -9.89 15.16
C TYR B 30 23.85 -11.15 14.75
N GLY B 31 22.52 -11.08 14.77
CA GLY B 31 21.69 -12.16 14.25
C GLY B 31 21.88 -12.47 12.79
N ILE B 32 22.09 -11.45 12.00
CA ILE B 32 22.35 -11.68 10.59
C ILE B 32 23.75 -12.32 10.43
N ALA B 33 24.76 -11.80 11.16
CA ALA B 33 26.12 -12.40 11.14
C ALA B 33 26.08 -13.88 11.49
N LYS B 34 25.33 -14.24 12.54
CA LYS B 34 25.21 -15.63 12.96
C LYS B 34 24.62 -16.52 11.86
N ALA B 35 23.56 -16.02 11.25
CA ALA B 35 22.84 -16.77 10.25
C ALA B 35 23.70 -16.89 9.00
N CYS B 36 24.36 -15.81 8.62
CA CYS B 36 25.24 -15.81 7.46
C CYS B 36 26.44 -16.76 7.64
N LYS B 37 27.10 -16.67 8.81
CA LYS B 37 28.24 -17.57 9.10
C LYS B 37 27.80 -19.03 9.09
N ARG B 38 26.64 -19.32 9.68
CA ARG B 38 26.09 -20.68 9.68
C ARG B 38 25.92 -21.23 8.28
N GLU B 39 25.50 -20.38 7.34
CA GLU B 39 25.30 -20.84 5.97
C GLU B 39 26.56 -20.68 5.07
N GLY B 40 27.70 -20.48 5.71
CA GLY B 40 28.99 -20.55 4.98
C GLY B 40 29.57 -19.28 4.41
N ALA B 41 29.01 -18.11 4.77
CA ALA B 41 29.55 -16.81 4.30
C ALA B 41 30.92 -16.49 4.94
N GLU B 42 31.76 -15.70 4.26
CA GLU B 42 32.90 -15.06 4.92
C GLU B 42 32.54 -13.61 5.20
N LEU B 43 32.83 -13.16 6.42
CA LEU B 43 32.30 -11.90 6.90
C LEU B 43 33.35 -10.81 7.15
N ALA B 44 32.91 -9.55 6.95
CA ALA B 44 33.71 -8.35 7.25
C ALA B 44 32.78 -7.39 7.99
N PHE B 45 33.36 -6.49 8.78
CA PHE B 45 32.58 -5.66 9.68
C PHE B 45 33.08 -4.21 9.72
N THR B 46 32.16 -3.26 9.89
CA THR B 46 32.52 -1.90 10.19
C THR B 46 32.28 -1.52 11.64
N TYR B 47 32.89 -0.41 12.03
CA TYR B 47 32.73 0.15 13.36
C TYR B 47 32.94 1.65 13.25
N VAL B 48 32.44 2.36 14.25
CA VAL B 48 32.52 3.81 14.31
C VAL B 48 33.38 4.20 15.52
N GLY B 49 34.51 4.84 15.27
CA GLY B 49 35.34 5.39 16.32
C GLY B 49 36.42 4.42 16.74
N ASP B 50 37.64 4.94 16.90
CA ASP B 50 38.80 4.12 17.28
C ASP B 50 38.54 3.38 18.60
N ARG B 51 37.75 4.01 19.46
CA ARG B 51 37.31 3.47 20.74
C ARG B 51 36.63 2.11 20.68
N PHE B 52 36.01 1.78 19.54
CA PHE B 52 35.25 0.55 19.41
C PHE B 52 36.02 -0.52 18.64
N LYS B 53 37.26 -0.22 18.23
CA LYS B 53 38.04 -1.14 17.38
C LYS B 53 38.20 -2.52 18.03
N ASP B 54 38.61 -2.53 19.29
CA ASP B 54 38.87 -3.78 20.01
C ASP B 54 37.61 -4.61 20.18
N ARG B 55 36.49 -3.96 20.46
CA ARG B 55 35.25 -4.71 20.70
C ARG B 55 34.69 -5.31 19.36
N ILE B 56 34.79 -4.58 18.25
CA ILE B 56 34.43 -5.18 16.95
C ILE B 56 35.38 -6.25 16.51
N THR B 57 36.66 -6.13 16.88
CA THR B 57 37.69 -7.15 16.54
C THR B 57 37.34 -8.46 17.20
N GLU B 58 36.78 -8.37 18.39
CA GLU B 58 36.34 -9.52 19.16
C GLU B 58 35.08 -10.23 18.59
N PHE B 59 34.08 -9.46 18.17
CA PHE B 59 32.95 -10.06 17.45
C PHE B 59 33.38 -10.72 16.15
N ALA B 60 34.21 -10.02 15.40
CA ALA B 60 34.72 -10.53 14.15
C ALA B 60 35.41 -11.89 14.35
N ALA B 61 36.20 -12.02 15.42
CA ALA B 61 36.91 -13.27 15.73
C ALA B 61 35.93 -14.38 16.07
N GLU B 62 34.88 -14.06 16.82
CA GLU B 62 33.80 -15.00 17.06
C GLU B 62 33.25 -15.58 15.72
N PHE B 63 33.23 -14.77 14.67
CA PHE B 63 32.77 -15.21 13.34
C PHE B 63 33.90 -15.65 12.40
N GLY B 64 35.04 -15.96 12.97
CA GLY B 64 36.23 -16.34 12.18
C GLY B 64 36.80 -15.29 11.23
N SER B 65 36.68 -14.00 11.57
CA SER B 65 37.13 -12.92 10.69
C SER B 65 38.12 -11.98 11.36
N GLU B 66 39.09 -11.48 10.61
CA GLU B 66 39.96 -10.40 11.05
C GLU B 66 39.69 -9.11 10.29
N LEU B 67 38.63 -9.08 9.49
CA LEU B 67 38.37 -7.92 8.62
C LEU B 67 37.42 -6.94 9.29
N VAL B 68 37.99 -5.87 9.86
CA VAL B 68 37.23 -4.81 10.56
C VAL B 68 37.71 -3.45 10.03
N PHE B 69 36.79 -2.51 9.78
CA PHE B 69 37.13 -1.24 9.13
C PHE B 69 36.35 -0.09 9.74
N PRO B 70 37.02 1.05 9.99
CA PRO B 70 36.28 2.22 10.46
C PRO B 70 35.36 2.77 9.37
N CYS B 71 34.15 3.18 9.74
CA CYS B 71 33.29 3.86 8.79
C CYS B 71 32.22 4.69 9.48
N ASP B 72 32.52 5.95 9.69
CA ASP B 72 31.50 6.93 10.07
C ASP B 72 30.84 7.45 8.80
N VAL B 73 29.59 7.06 8.57
CA VAL B 73 28.89 7.37 7.29
C VAL B 73 28.57 8.89 7.07
N ALA B 74 28.79 9.74 8.09
CA ALA B 74 28.74 11.22 7.93
C ALA B 74 29.91 11.79 7.12
N ASP B 75 30.97 11.00 6.98
CA ASP B 75 32.26 11.41 6.39
C ASP B 75 32.50 10.73 5.03
N ASP B 76 32.50 11.51 3.94
CA ASP B 76 32.78 10.94 2.62
C ASP B 76 34.11 10.21 2.54
N ALA B 77 35.12 10.73 3.26
CA ALA B 77 36.49 10.19 3.21
C ALA B 77 36.54 8.81 3.82
N GLN B 78 35.83 8.62 4.93
CA GLN B 78 35.72 7.29 5.52
C GLN B 78 34.98 6.28 4.65
N ILE B 79 33.96 6.74 3.93
CA ILE B 79 33.18 5.84 3.08
C ILE B 79 34.04 5.36 1.91
N ASP B 80 34.80 6.30 1.33
CA ASP B 80 35.62 5.94 0.19
C ASP B 80 36.85 5.12 0.63
N ALA B 81 37.43 5.43 1.80
CA ALA B 81 38.51 4.59 2.36
C ALA B 81 38.09 3.14 2.75
N LEU B 82 36.84 2.95 3.16
CA LEU B 82 36.32 1.61 3.51
C LEU B 82 36.48 0.68 2.35
N PHE B 83 36.00 1.12 1.19
CA PHE B 83 36.08 0.30 0.02
C PHE B 83 37.49 0.17 -0.60
N ALA B 84 38.33 1.19 -0.46
CA ALA B 84 39.74 1.07 -0.86
C ALA B 84 40.42 0.02 0.00
N SER B 85 40.09 0.01 1.30
CA SER B 85 40.67 -0.95 2.24
C SER B 85 40.22 -2.37 1.99
N LEU B 86 38.92 -2.54 1.77
CA LEU B 86 38.36 -3.88 1.63
C LEU B 86 38.86 -4.54 0.37
N LYS B 87 39.08 -3.74 -0.66
CA LYS B 87 39.53 -4.24 -1.97
C LYS B 87 40.93 -4.89 -1.89
N THR B 88 41.74 -4.45 -0.93
CA THR B 88 43.03 -5.10 -0.70
C THR B 88 42.88 -6.51 -0.14
N HIS B 89 41.72 -6.84 0.43
CA HIS B 89 41.45 -8.16 1.00
C HIS B 89 40.58 -9.05 0.12
N TRP B 90 39.58 -8.44 -0.54
CA TRP B 90 38.56 -9.13 -1.31
C TRP B 90 38.51 -8.47 -2.67
N ASP B 91 38.66 -9.24 -3.73
CA ASP B 91 38.58 -8.68 -5.08
C ASP B 91 37.17 -8.24 -5.41
N SER B 92 36.17 -8.90 -4.82
CA SER B 92 34.78 -8.57 -5.05
C SER B 92 33.91 -8.74 -3.79
N LEU B 93 32.85 -7.95 -3.68
CA LEU B 93 31.90 -8.02 -2.54
C LEU B 93 30.56 -8.59 -2.99
N ASP B 94 30.04 -9.62 -2.29
CA ASP B 94 28.79 -10.26 -2.66
C ASP B 94 27.59 -9.76 -1.87
N GLY B 95 27.83 -9.15 -0.72
CA GLY B 95 26.71 -8.67 0.07
C GLY B 95 27.03 -7.52 0.96
N LEU B 96 26.01 -6.70 1.23
CA LEU B 96 26.15 -5.58 2.15
C LEU B 96 24.91 -5.48 3.00
N VAL B 97 25.11 -5.35 4.30
CA VAL B 97 24.04 -5.25 5.26
C VAL B 97 24.17 -3.86 5.95
N HIS B 98 23.14 -3.04 5.74
CA HIS B 98 23.06 -1.65 6.25
C HIS B 98 22.10 -1.74 7.41
N SER B 99 22.63 -1.62 8.62
CA SER B 99 21.85 -1.71 9.85
C SER B 99 22.24 -0.57 10.80
N ILE B 100 22.25 0.64 10.29
CA ILE B 100 22.70 1.81 11.01
C ILE B 100 21.52 2.77 10.84
N GLY B 101 21.47 3.80 11.61
CA GLY B 101 20.20 4.52 11.66
C GLY B 101 20.30 5.25 12.95
N PHE B 102 20.07 6.55 12.90
CA PHE B 102 20.26 7.40 14.02
C PHE B 102 19.43 8.65 13.84
N ALA B 103 18.89 9.15 14.96
CA ALA B 103 18.32 10.46 15.02
C ALA B 103 18.66 11.03 16.41
N PRO B 104 18.92 12.35 16.52
CA PRO B 104 19.12 12.93 17.84
C PRO B 104 17.95 12.57 18.72
N ARG B 105 18.20 12.39 20.01
CA ARG B 105 17.23 11.79 20.92
C ARG B 105 15.86 12.54 21.00
N GLU B 106 15.88 13.87 20.96
CA GLU B 106 14.64 14.67 21.00
C GLU B 106 13.79 14.45 19.77
N ALA B 107 14.42 14.07 18.64
CA ALA B 107 13.75 13.85 17.34
C ALA B 107 12.99 12.53 17.30
N ILE B 108 13.17 11.67 18.32
CA ILE B 108 12.49 10.36 18.35
C ILE B 108 11.82 10.07 19.72
N ALA B 109 11.44 11.14 20.41
CA ALA B 109 10.78 11.05 21.71
C ALA B 109 9.75 12.15 21.72
N GLY B 110 8.63 11.90 22.40
CA GLY B 110 7.61 12.92 22.57
C GLY B 110 6.87 13.28 21.31
N ASP B 111 6.44 14.51 21.27
CA ASP B 111 5.74 15.03 20.11
C ASP B 111 6.68 15.30 18.91
N PHE B 112 6.14 15.00 17.73
CA PHE B 112 6.86 15.15 16.45
C PHE B 112 7.41 16.55 16.26
N LEU B 113 6.58 17.56 16.49
CA LEU B 113 6.97 18.94 16.24
C LEU B 113 7.93 19.49 17.28
N ASP B 114 7.77 19.07 18.53
CA ASP B 114 8.74 19.49 19.57
C ASP B 114 10.16 19.14 19.23
N GLY B 115 10.40 17.96 18.64
CA GLY B 115 11.74 17.56 18.26
C GLY B 115 12.16 17.97 16.85
N LEU B 116 11.29 18.63 16.09
CA LEU B 116 11.64 19.02 14.72
C LEU B 116 12.52 20.28 14.63
N THR B 117 13.73 20.12 14.13
CA THR B 117 14.62 21.23 13.75
C THR B 117 15.24 20.86 12.43
N ARG B 118 15.72 21.85 11.71
CA ARG B 118 16.36 21.57 10.42
C ARG B 118 17.60 20.65 10.59
N GLU B 119 18.42 20.88 11.61
CA GLU B 119 19.58 20.03 11.83
C GLU B 119 19.22 18.60 12.33
N ASN B 120 18.26 18.47 13.23
CA ASN B 120 17.78 17.13 13.63
C ASN B 120 17.29 16.32 12.43
N PHE B 121 16.50 16.99 11.58
CA PHE B 121 16.00 16.40 10.34
C PHE B 121 17.16 16.02 9.39
N ARG B 122 18.12 16.92 9.20
CA ARG B 122 19.24 16.67 8.29
C ARG B 122 20.07 15.45 8.77
N ILE B 123 20.37 15.38 10.06
CA ILE B 123 21.17 14.28 10.59
C ILE B 123 20.42 12.97 10.44
N ALA B 124 19.17 12.97 10.89
CA ALA B 124 18.37 11.75 10.77
C ALA B 124 18.35 11.20 9.36
N HIS B 125 18.19 12.08 8.37
CA HIS B 125 18.12 11.61 6.98
C HIS B 125 19.46 11.25 6.40
N ASP B 126 20.50 11.95 6.81
CA ASP B 126 21.83 11.73 6.30
C ASP B 126 22.36 10.34 6.75
N ILE B 127 22.20 10.05 8.04
CA ILE B 127 22.70 8.78 8.61
C ILE B 127 21.73 7.63 8.32
N SER B 128 20.42 7.84 8.43
CA SER B 128 19.49 6.71 8.37
C SER B 128 19.05 6.41 6.94
N ALA B 129 19.12 7.36 6.03
CA ALA B 129 18.63 7.13 4.65
C ALA B 129 19.69 7.29 3.61
N TYR B 130 20.35 8.44 3.56
CA TYR B 130 21.33 8.73 2.51
C TYR B 130 22.50 7.68 2.49
N SER B 131 22.99 7.28 3.68
CA SER B 131 24.07 6.33 3.81
C SER B 131 23.91 5.01 3.09
N PHE B 132 22.67 4.50 2.91
CA PHE B 132 22.49 3.24 2.21
C PHE B 132 22.90 3.35 0.72
N PRO B 133 22.22 4.16 -0.09
CA PRO B 133 22.74 4.37 -1.44
C PRO B 133 24.17 4.96 -1.55
N ALA B 134 24.60 5.76 -0.60
CA ALA B 134 25.98 6.20 -0.63
C ALA B 134 26.98 5.02 -0.51
N LEU B 135 26.69 4.08 0.38
CA LEU B 135 27.54 2.87 0.53
C LEU B 135 27.46 2.01 -0.76
N ALA B 136 26.25 1.92 -1.32
CA ALA B 136 26.04 1.17 -2.58
C ALA B 136 26.90 1.75 -3.68
N LYS B 137 26.86 3.08 -3.84
CA LYS B 137 27.67 3.79 -4.84
C LYS B 137 29.17 3.57 -4.70
N ALA B 138 29.70 3.72 -3.49
CA ALA B 138 31.12 3.47 -3.18
C ALA B 138 31.51 2.01 -3.38
N ALA B 139 30.55 1.10 -3.17
CA ALA B 139 30.81 -0.32 -3.29
C ALA B 139 30.78 -0.80 -4.76
N LEU B 140 30.04 -0.06 -5.61
CA LEU B 140 29.69 -0.52 -6.94
C LEU B 140 30.90 -1.10 -7.75
N PRO B 141 32.03 -0.35 -7.83
CA PRO B 141 33.15 -0.88 -8.65
C PRO B 141 33.68 -2.24 -8.22
N MET B 142 33.39 -2.72 -7.01
CA MET B 142 33.83 -4.03 -6.60
C MET B 142 32.69 -5.00 -6.34
N LEU B 143 31.45 -4.62 -6.64
CA LEU B 143 30.33 -5.52 -6.35
C LEU B 143 30.35 -6.63 -7.39
N SER B 144 30.12 -7.86 -6.95
CA SER B 144 29.89 -8.96 -7.88
C SER B 144 28.57 -8.72 -8.66
N ASP B 145 28.45 -9.26 -9.88
CA ASP B 145 27.27 -9.01 -10.70
C ASP B 145 25.99 -9.53 -10.04
N ASP B 146 26.08 -10.54 -9.17
CA ASP B 146 24.86 -11.05 -8.49
C ASP B 146 24.89 -10.70 -6.98
N ALA B 147 25.48 -9.58 -6.63
CA ALA B 147 25.50 -9.15 -5.22
C ALA B 147 24.09 -8.86 -4.70
N SER B 148 23.97 -8.74 -3.39
CA SER B 148 22.70 -8.48 -2.77
C SER B 148 22.93 -7.45 -1.67
N LEU B 149 22.15 -6.38 -1.70
CA LEU B 149 22.23 -5.31 -0.67
C LEU B 149 20.92 -5.30 0.15
N LEU B 150 21.07 -5.23 1.48
CA LEU B 150 19.99 -5.37 2.42
C LEU B 150 20.08 -4.23 3.41
N THR B 151 18.97 -3.53 3.66
CA THR B 151 18.89 -2.52 4.74
C THR B 151 17.73 -2.93 5.67
N LEU B 152 17.65 -2.29 6.81
CA LEU B 152 16.64 -2.58 7.83
C LEU B 152 15.73 -1.33 7.99
N SER B 153 14.43 -1.55 8.00
CA SER B 153 13.45 -0.48 8.18
C SER B 153 12.53 -0.86 9.32
N TYR B 154 11.42 -0.14 9.46
CA TYR B 154 10.48 -0.31 10.54
C TYR B 154 9.09 0.15 10.07
N LEU B 155 8.03 -0.44 10.59
CA LEU B 155 6.65 -0.07 10.20
C LEU B 155 6.33 1.44 10.30
N GLY B 156 7.09 2.14 11.15
CA GLY B 156 7.02 3.58 11.29
C GLY B 156 7.19 4.38 9.99
N ALA B 157 7.82 3.78 8.97
CA ALA B 157 7.92 4.35 7.63
C ALA B 157 6.55 4.36 6.94
N GLU B 158 5.68 3.38 7.26
CA GLU B 158 4.41 3.21 6.54
C GLU B 158 3.19 3.86 7.24
N ARG B 159 3.16 3.77 8.57
CA ARG B 159 2.07 4.27 9.37
C ARG B 159 2.67 5.01 10.54
N ALA B 160 1.96 5.98 11.09
CA ALA B 160 2.54 6.85 12.14
C ALA B 160 2.52 6.09 13.44
N ILE B 161 3.70 5.81 13.99
CA ILE B 161 3.87 5.15 15.27
C ILE B 161 4.26 6.15 16.33
N PRO B 162 3.62 6.08 17.52
CA PRO B 162 4.02 7.03 18.58
C PRO B 162 5.51 7.11 18.91
N ASN B 163 5.99 8.36 18.99
CA ASN B 163 7.37 8.72 19.27
C ASN B 163 8.39 8.46 18.16
N TYR B 164 8.02 7.71 17.14
CA TYR B 164 8.98 7.38 16.08
C TYR B 164 9.36 8.64 15.29
N ASN B 165 8.37 9.50 15.01
CA ASN B 165 8.57 10.91 14.63
C ASN B 165 9.51 11.11 13.43
N THR B 166 10.65 11.81 13.61
CA THR B 166 11.51 12.12 12.48
C THR B 166 12.11 10.87 11.82
N MET B 167 12.27 9.78 12.57
CA MET B 167 12.82 8.55 12.00
C MET B 167 11.82 7.89 11.04
N GLY B 168 10.54 8.18 11.21
CA GLY B 168 9.46 7.68 10.30
C GLY B 168 9.63 8.29 8.89
N LEU B 169 10.00 9.55 8.86
CA LEU B 169 10.35 10.25 7.61
C LEU B 169 11.58 9.65 6.96
N ALA B 170 12.66 9.48 7.76
CA ALA B 170 13.95 8.94 7.31
C ALA B 170 13.81 7.52 6.76
N LYS B 171 13.06 6.67 7.48
CA LYS B 171 12.78 5.32 7.00
C LYS B 171 11.86 5.28 5.78
N ALA B 172 10.94 6.23 5.62
CA ALA B 172 10.20 6.31 4.32
C ALA B 172 11.14 6.63 3.15
N ALA B 173 12.07 7.58 3.32
CA ALA B 173 13.09 7.85 2.28
C ALA B 173 13.97 6.63 2.00
N LEU B 174 14.37 5.91 3.07
CA LEU B 174 15.18 4.70 2.94
C LEU B 174 14.47 3.67 2.06
N GLU B 175 13.20 3.36 2.37
CA GLU B 175 12.43 2.38 1.62
C GLU B 175 12.30 2.81 0.12
N ALA B 176 12.07 4.09 -0.14
CA ALA B 176 12.12 4.63 -1.49
C ALA B 176 13.49 4.39 -2.14
N SER B 177 14.58 4.50 -1.37
CA SER B 177 15.93 4.30 -1.94
C SER B 177 16.11 2.84 -2.35
N VAL B 178 15.42 1.92 -1.67
CA VAL B 178 15.44 0.53 -2.07
C VAL B 178 14.90 0.36 -3.49
N ARG B 179 13.81 1.04 -3.82
CA ARG B 179 13.24 0.91 -5.19
C ARG B 179 14.11 1.56 -6.26
N TYR B 180 14.59 2.78 -6.01
CA TYR B 180 15.51 3.43 -6.96
C TYR B 180 16.89 2.76 -7.12
N LEU B 181 17.47 2.25 -6.02
CA LEU B 181 18.65 1.42 -6.11
C LEU B 181 18.44 0.17 -6.92
N ALA B 182 17.32 -0.50 -6.69
CA ALA B 182 17.02 -1.74 -7.43
C ALA B 182 16.97 -1.49 -8.94
N VAL B 183 16.40 -0.38 -9.35
CA VAL B 183 16.37 0.02 -10.77
C VAL B 183 17.79 0.33 -11.27
N SER B 184 18.54 1.14 -10.51
CA SER B 184 19.87 1.55 -10.93
C SER B 184 20.86 0.36 -11.07
N LEU B 185 20.78 -0.61 -10.16
CA LEU B 185 21.80 -1.63 -10.03
C LEU B 185 21.34 -2.96 -10.70
N GLY B 186 20.08 -2.99 -11.05
CA GLY B 186 19.40 -4.23 -11.48
C GLY B 186 19.88 -4.78 -12.83
N ALA B 187 20.16 -3.90 -13.80
CA ALA B 187 20.59 -4.44 -15.11
C ALA B 187 21.92 -5.23 -14.98
N LYS B 188 22.78 -4.81 -14.07
CA LYS B 188 24.03 -5.53 -13.81
C LYS B 188 23.76 -6.89 -13.15
N GLY B 189 22.70 -6.91 -12.37
CA GLY B 189 22.14 -8.10 -11.71
C GLY B 189 22.06 -8.04 -10.19
N VAL B 190 22.41 -6.88 -9.62
CA VAL B 190 22.50 -6.71 -8.18
C VAL B 190 21.09 -6.51 -7.65
N ARG B 191 20.73 -7.22 -6.57
CA ARG B 191 19.46 -7.05 -5.94
C ARG B 191 19.55 -6.17 -4.67
N VAL B 192 18.44 -5.55 -4.35
CA VAL B 192 18.37 -4.60 -3.24
C VAL B 192 17.03 -4.76 -2.56
N ASN B 193 17.05 -4.94 -1.25
CA ASN B 193 15.84 -5.21 -0.48
C ASN B 193 15.95 -4.62 0.92
N ALA B 194 14.82 -4.52 1.62
CA ALA B 194 14.76 -4.14 3.05
C ALA B 194 14.00 -5.23 3.82
N ILE B 195 14.40 -5.47 5.07
CA ILE B 195 13.54 -6.10 6.04
C ILE B 195 12.97 -5.00 6.95
N SER B 196 11.65 -5.01 7.10
CA SER B 196 10.94 -4.18 8.07
C SER B 196 10.74 -5.06 9.32
N ALA B 197 11.65 -4.92 10.28
CA ALA B 197 11.71 -5.78 11.45
C ALA B 197 10.77 -5.26 12.53
N GLY B 198 10.18 -6.16 13.30
CA GLY B 198 9.38 -5.75 14.42
C GLY B 198 10.32 -5.16 15.46
N PRO B 199 9.76 -4.59 16.54
CA PRO B 199 10.62 -4.05 17.55
C PRO B 199 11.40 -5.18 18.27
N ILE B 200 12.61 -4.79 18.69
CA ILE B 200 13.62 -5.68 19.27
C ILE B 200 14.43 -4.80 20.26
N LYS B 201 14.53 -5.22 21.52
CA LYS B 201 15.26 -4.42 22.54
C LYS B 201 16.73 -4.34 22.18
N PHE B 211 9.17 0.97 26.43
CA PHE B 211 9.52 -0.03 25.42
C PHE B 211 8.88 -1.37 25.74
N GLY B 212 8.96 -1.78 26.99
CA GLY B 212 8.28 -2.98 27.47
C GLY B 212 6.79 -2.99 27.13
N LYS B 213 6.20 -1.80 27.01
CA LYS B 213 4.78 -1.64 26.67
C LYS B 213 4.55 -1.81 25.18
N ILE B 214 5.47 -1.29 24.37
CA ILE B 214 5.38 -1.46 22.92
C ILE B 214 5.54 -2.96 22.62
N LEU B 215 6.55 -3.58 23.23
CA LEU B 215 6.77 -5.00 23.05
C LEU B 215 5.55 -5.81 23.52
N ASP B 216 4.96 -5.39 24.64
CA ASP B 216 3.77 -6.08 25.16
C ASP B 216 2.58 -5.96 24.22
N PHE B 217 2.39 -4.78 23.63
CA PHE B 217 1.30 -4.57 22.66
C PHE B 217 1.52 -5.47 21.43
N VAL B 218 2.74 -5.53 20.93
CA VAL B 218 3.05 -6.44 19.81
C VAL B 218 2.83 -7.91 20.21
N GLU B 219 3.34 -8.34 21.37
CA GLU B 219 3.10 -9.72 21.82
C GLU B 219 1.60 -10.02 21.93
N SER B 220 0.80 -9.07 22.43
CA SER B 220 -0.61 -9.35 22.57
C SER B 220 -1.35 -9.24 21.27
N ASN B 221 -0.87 -8.48 20.29
CA ASN B 221 -1.71 -8.24 19.10
C ASN B 221 -1.20 -8.83 17.75
N SER B 222 0.08 -9.15 17.67
CA SER B 222 0.58 -9.79 16.45
C SER B 222 -0.15 -11.10 16.18
N PRO B 223 -0.38 -11.41 14.90
CA PRO B 223 -0.93 -12.71 14.56
C PRO B 223 -0.27 -13.89 15.27
N LEU B 224 1.04 -13.90 15.41
CA LEU B 224 1.74 -15.01 16.06
C LEU B 224 1.90 -14.87 17.58
N LYS B 225 1.31 -13.81 18.12
CA LYS B 225 1.29 -13.56 19.55
C LYS B 225 2.66 -13.71 20.21
N ARG B 226 3.69 -13.11 19.60
CA ARG B 226 5.05 -13.17 20.08
C ARG B 226 5.90 -12.11 19.39
N ASN B 227 6.89 -11.58 20.08
CA ASN B 227 7.83 -10.65 19.42
C ASN B 227 8.86 -11.42 18.57
N VAL B 228 9.36 -10.80 17.50
CA VAL B 228 10.37 -11.43 16.65
C VAL B 228 11.70 -11.40 17.36
N THR B 229 12.57 -12.30 16.93
CA THR B 229 13.86 -12.49 17.55
C THR B 229 14.85 -12.06 16.49
N ILE B 230 16.05 -11.72 16.93
CA ILE B 230 17.11 -11.42 15.97
C ILE B 230 17.55 -12.68 15.20
N GLU B 231 17.30 -13.88 15.73
CA GLU B 231 17.55 -15.13 14.96
C GLU B 231 16.58 -15.23 13.72
N GLN B 232 15.32 -14.88 13.95
CA GLN B 232 14.30 -14.84 12.86
C GLN B 232 14.59 -13.76 11.84
N VAL B 233 15.01 -12.57 12.29
CA VAL B 233 15.33 -11.51 11.33
C VAL B 233 16.61 -11.91 10.60
N GLY B 234 17.52 -12.55 11.33
CA GLY B 234 18.82 -12.94 10.76
C GLY B 234 18.66 -13.93 9.63
N ASN B 235 17.80 -14.91 9.87
CA ASN B 235 17.54 -15.96 8.85
C ASN B 235 16.87 -15.37 7.59
N ALA B 236 15.92 -14.46 7.80
CA ALA B 236 15.26 -13.82 6.67
C ALA B 236 16.30 -13.01 5.90
N GLY B 237 17.22 -12.38 6.63
CA GLY B 237 18.30 -11.61 6.02
C GLY B 237 19.22 -12.49 5.18
N ALA B 238 19.67 -13.59 5.78
CA ALA B 238 20.57 -14.56 5.11
C ALA B 238 19.92 -15.04 3.78
N PHE B 239 18.64 -15.38 3.85
CA PHE B 239 17.89 -15.78 2.67
C PHE B 239 17.95 -14.71 1.54
N LEU B 240 17.63 -13.46 1.89
CA LEU B 240 17.62 -12.36 0.89
C LEU B 240 19.03 -12.08 0.32
N LEU B 241 20.04 -12.30 1.17
CA LEU B 241 21.45 -12.22 0.74
C LEU B 241 21.94 -13.34 -0.22
N SER B 242 21.23 -14.46 -0.23
CA SER B 242 21.62 -15.66 -0.98
C SER B 242 21.00 -15.77 -2.39
N ASP B 243 21.52 -16.68 -3.19
CA ASP B 243 21.00 -16.92 -4.54
C ASP B 243 19.65 -17.62 -4.50
N LEU B 244 19.21 -18.10 -3.34
CA LEU B 244 17.86 -18.60 -3.19
C LEU B 244 16.80 -17.50 -3.48
N ALA B 245 17.19 -16.23 -3.31
CA ALA B 245 16.31 -15.10 -3.48
C ALA B 245 16.64 -14.36 -4.77
N SER B 246 17.20 -15.04 -5.78
CA SER B 246 17.59 -14.37 -7.03
C SER B 246 16.38 -13.74 -7.80
N GLY B 247 15.16 -14.13 -7.46
CA GLY B 247 13.99 -13.50 -8.08
C GLY B 247 13.41 -12.31 -7.33
N VAL B 248 14.04 -11.94 -6.21
CA VAL B 248 13.47 -10.96 -5.27
C VAL B 248 14.34 -9.69 -5.22
N THR B 249 13.76 -8.57 -5.65
CA THR B 249 14.42 -7.27 -5.55
C THR B 249 13.33 -6.19 -5.36
N ALA B 250 13.74 -5.03 -4.86
CA ALA B 250 12.87 -3.86 -4.58
C ALA B 250 11.79 -4.19 -3.54
N GLU B 251 12.04 -5.22 -2.72
CA GLU B 251 11.04 -5.73 -1.73
C GLU B 251 11.38 -5.20 -0.35
N VAL B 252 10.34 -4.82 0.37
CA VAL B 252 10.34 -4.50 1.81
C VAL B 252 9.59 -5.67 2.48
N MET B 253 10.34 -6.63 3.04
CA MET B 253 9.76 -7.85 3.63
C MET B 253 9.55 -7.62 5.09
N HIS B 254 8.33 -7.85 5.57
CA HIS B 254 8.10 -7.62 6.97
C HIS B 254 8.51 -8.89 7.69
N VAL B 255 9.34 -8.73 8.70
CA VAL B 255 9.67 -9.84 9.57
C VAL B 255 9.35 -9.39 10.98
N ASP B 256 8.11 -9.57 11.38
CA ASP B 256 7.53 -8.86 12.55
C ASP B 256 6.38 -9.62 13.19
N SER B 257 6.37 -10.94 13.00
CA SER B 257 5.31 -11.84 13.56
C SER B 257 3.96 -11.50 13.00
N GLY B 258 3.95 -10.80 11.87
CA GLY B 258 2.71 -10.42 11.16
C GLY B 258 2.01 -9.18 11.72
N PHE B 259 2.66 -8.45 12.62
CA PHE B 259 2.06 -7.29 13.27
C PHE B 259 1.63 -6.17 12.29
N ASN B 260 2.41 -5.90 11.25
CA ASN B 260 2.04 -4.89 10.26
C ASN B 260 0.62 -5.06 9.61
N ALA B 261 0.15 -6.30 9.55
CA ALA B 261 -1.03 -6.74 8.80
C ALA B 261 -2.32 -6.71 9.60
N VAL B 262 -2.25 -6.25 10.83
CA VAL B 262 -3.44 -6.18 11.68
C VAL B 262 -3.74 -4.77 12.17
N VAL B 263 -4.96 -4.63 12.68
CA VAL B 263 -5.35 -3.47 13.54
C VAL B 263 -5.46 -3.96 14.99
N GLY B 264 -4.44 -3.71 15.80
CA GLY B 264 -4.46 -4.26 17.17
C GLY B 264 -5.29 -3.41 18.13
N GLY B 265 -5.65 -3.98 19.29
CA GLY B 265 -6.18 -3.18 20.42
C GLY B 265 -7.69 -3.21 20.56
N MET B 266 -8.37 -3.91 19.65
CA MET B 266 -9.83 -3.92 19.61
C MET B 266 -10.49 -5.28 19.93
N MET C 9 -26.77 26.47 -8.15
CA MET C 9 -25.55 27.05 -7.51
C MET C 9 -24.81 26.00 -6.65
N GLY C 10 -25.49 24.95 -6.21
CA GLY C 10 -24.85 23.81 -5.59
C GLY C 10 -23.93 23.06 -6.58
N PHE C 11 -22.97 22.32 -6.05
CA PHE C 11 -21.95 21.69 -6.89
C PHE C 11 -22.38 20.37 -7.57
N LEU C 12 -23.59 19.89 -7.28
CA LEU C 12 -24.22 18.81 -8.07
C LEU C 12 -25.51 19.26 -8.81
N ASP C 13 -25.61 20.55 -9.09
CA ASP C 13 -26.79 21.12 -9.75
C ASP C 13 -27.06 20.35 -11.05
N GLY C 14 -28.25 19.76 -11.10
CA GLY C 14 -28.78 19.10 -12.30
C GLY C 14 -28.35 17.66 -12.47
N LYS C 15 -27.57 17.14 -11.51
CA LYS C 15 -27.09 15.74 -11.57
C LYS C 15 -28.18 14.80 -11.12
N ARG C 16 -28.41 13.73 -11.87
CA ARG C 16 -29.38 12.70 -11.44
C ARG C 16 -28.62 11.50 -10.90
N ILE C 17 -28.92 11.14 -9.67
CA ILE C 17 -28.15 10.17 -8.88
C ILE C 17 -29.09 9.15 -8.27
N LEU C 18 -28.83 7.88 -8.57
CA LEU C 18 -29.54 6.75 -7.97
C LEU C 18 -28.80 6.26 -6.73
N LEU C 19 -29.49 6.16 -5.60
CA LEU C 19 -28.90 5.66 -4.34
C LEU C 19 -29.49 4.35 -3.88
N THR C 20 -28.63 3.41 -3.50
CA THR C 20 -29.05 2.10 -2.98
C THR C 20 -28.78 2.01 -1.48
N GLY C 21 -29.49 1.11 -0.81
CA GLY C 21 -29.25 0.84 0.62
C GLY C 21 -29.71 1.90 1.63
N LEU C 22 -30.65 2.76 1.25
CA LEU C 22 -31.26 3.72 2.20
C LEU C 22 -32.32 2.98 3.05
N LEU C 23 -31.95 2.66 4.29
CA LEU C 23 -32.85 1.95 5.18
C LEU C 23 -33.27 2.78 6.39
N SER C 24 -32.47 3.77 6.79
CA SER C 24 -32.84 4.65 7.88
C SER C 24 -32.06 5.94 7.84
N ASN C 25 -32.43 6.87 8.72
CA ASN C 25 -31.77 8.16 8.74
C ASN C 25 -30.40 8.14 9.43
N ARG C 26 -30.01 6.97 9.92
CA ARG C 26 -28.64 6.78 10.37
C ARG C 26 -27.75 6.07 9.28
N SER C 27 -28.29 5.74 8.12
CA SER C 27 -27.54 5.20 6.98
C SER C 27 -26.40 6.21 6.57
N ILE C 28 -25.24 5.67 6.14
CA ILE C 28 -24.28 6.43 5.32
C ILE C 28 -25.06 6.90 4.09
N ALA C 29 -25.90 6.01 3.55
CA ALA C 29 -26.70 6.35 2.38
C ALA C 29 -27.58 7.60 2.59
N TYR C 30 -28.20 7.70 3.77
CA TYR C 30 -28.96 8.92 4.17
C TYR C 30 -28.08 10.17 4.22
N GLY C 31 -26.93 10.08 4.85
CA GLY C 31 -25.96 11.18 4.84
C GLY C 31 -25.52 11.68 3.46
N ILE C 32 -25.29 10.75 2.55
CA ILE C 32 -24.96 11.06 1.19
C ILE C 32 -26.15 11.66 0.46
N ALA C 33 -27.34 11.10 0.64
CA ALA C 33 -28.54 11.66 -0.02
C ALA C 33 -28.76 13.10 0.43
N LYS C 34 -28.67 13.34 1.73
CA LYS C 34 -28.83 14.69 2.25
C LYS C 34 -27.80 15.66 1.67
N ALA C 35 -26.52 15.26 1.59
CA ALA C 35 -25.48 16.14 1.04
C ALA C 35 -25.72 16.39 -0.43
N CYS C 36 -26.07 15.34 -1.16
CA CYS C 36 -26.36 15.46 -2.59
C CYS C 36 -27.54 16.41 -2.90
N LYS C 37 -28.64 16.26 -2.17
CA LYS C 37 -29.82 17.12 -2.34
C LYS C 37 -29.46 18.60 -2.02
N ARG C 38 -28.75 18.85 -0.93
CA ARG C 38 -28.27 20.20 -0.60
C ARG C 38 -27.48 20.88 -1.72
N GLU C 39 -26.74 20.08 -2.48
CA GLU C 39 -25.90 20.57 -3.54
C GLU C 39 -26.59 20.49 -4.90
N GLY C 40 -27.91 20.22 -4.87
CA GLY C 40 -28.78 20.44 -6.04
C GLY C 40 -29.08 19.22 -6.89
N ALA C 41 -28.71 18.02 -6.43
CA ALA C 41 -28.98 16.80 -7.18
C ALA C 41 -30.47 16.48 -7.13
N GLU C 42 -30.90 15.71 -8.14
CA GLU C 42 -32.20 15.04 -8.16
C GLU C 42 -31.93 13.58 -7.88
N LEU C 43 -32.69 12.99 -6.97
CA LEU C 43 -32.41 11.66 -6.47
C LEU C 43 -33.48 10.60 -6.86
N ALA C 44 -33.06 9.34 -6.91
CA ALA C 44 -33.93 8.18 -7.10
C ALA C 44 -33.36 7.18 -6.14
N PHE C 45 -34.17 6.20 -5.71
CA PHE C 45 -33.81 5.23 -4.68
C PHE C 45 -34.25 3.82 -5.01
N THR C 46 -33.48 2.84 -4.57
CA THR C 46 -33.89 1.47 -4.61
C THR C 46 -34.34 0.97 -3.24
N TYR C 47 -35.10 -0.11 -3.22
CA TYR C 47 -35.51 -0.78 -1.99
C TYR C 47 -35.67 -2.26 -2.27
N VAL C 48 -35.70 -3.07 -1.23
CA VAL C 48 -35.72 -4.54 -1.38
C VAL C 48 -36.97 -5.15 -0.75
N GLY C 49 -37.87 -5.70 -1.56
CA GLY C 49 -39.14 -6.23 -1.06
C GLY C 49 -40.23 -5.17 -0.94
N ASP C 50 -41.43 -5.54 -1.38
CA ASP C 50 -42.63 -4.68 -1.37
C ASP C 50 -42.98 -4.26 0.05
N ARG C 51 -42.49 -5.00 1.04
CA ARG C 51 -42.62 -4.62 2.45
C ARG C 51 -41.96 -3.28 2.80
N PHE C 52 -40.98 -2.85 2.00
CA PHE C 52 -40.24 -1.62 2.29
C PHE C 52 -40.62 -0.50 1.33
N LYS C 53 -41.61 -0.74 0.44
CA LYS C 53 -42.05 0.28 -0.52
C LYS C 53 -42.47 1.60 0.15
N ASP C 54 -43.35 1.50 1.13
CA ASP C 54 -43.82 2.65 1.90
C ASP C 54 -42.66 3.39 2.56
N ARG C 55 -41.80 2.70 3.28
CA ARG C 55 -40.70 3.37 3.99
C ARG C 55 -39.80 4.13 3.01
N ILE C 56 -39.34 3.44 1.96
CA ILE C 56 -38.48 4.13 0.99
C ILE C 56 -39.24 5.30 0.33
N THR C 57 -40.54 5.12 0.09
CA THR C 57 -41.32 6.20 -0.51
C THR C 57 -41.29 7.47 0.36
N GLU C 58 -41.36 7.31 1.69
CA GLU C 58 -41.33 8.46 2.61
C GLU C 58 -39.96 9.18 2.57
N PHE C 59 -38.89 8.38 2.55
CA PHE C 59 -37.53 8.92 2.41
C PHE C 59 -37.40 9.73 1.14
N ALA C 60 -37.91 9.18 0.03
CA ALA C 60 -37.78 9.82 -1.28
C ALA C 60 -38.51 11.16 -1.27
N ALA C 61 -39.66 11.19 -0.59
CA ALA C 61 -40.44 12.43 -0.43
C ALA C 61 -39.67 13.49 0.35
N GLU C 62 -39.02 13.07 1.44
CA GLU C 62 -38.11 13.97 2.18
C GLU C 62 -37.10 14.67 1.25
N PHE C 63 -36.54 13.91 0.28
CA PHE C 63 -35.58 14.43 -0.69
C PHE C 63 -36.21 14.93 -2.00
N GLY C 64 -37.52 15.16 -1.96
CA GLY C 64 -38.24 15.78 -3.05
C GLY C 64 -38.37 14.91 -4.27
N SER C 65 -38.50 13.61 -4.06
CA SER C 65 -38.49 12.65 -5.14
C SER C 65 -39.60 11.64 -4.98
N GLU C 66 -40.18 11.26 -6.12
CA GLU C 66 -41.16 10.16 -6.21
C GLU C 66 -40.57 8.90 -6.85
N LEU C 67 -39.29 8.91 -7.20
CA LEU C 67 -38.70 7.81 -7.98
C LEU C 67 -38.11 6.74 -7.06
N VAL C 68 -38.84 5.64 -6.85
CA VAL C 68 -38.32 4.50 -6.07
C VAL C 68 -38.55 3.24 -6.86
N PHE C 69 -37.61 2.30 -6.81
CA PHE C 69 -37.69 1.08 -7.64
C PHE C 69 -37.19 -0.13 -6.86
N PRO C 70 -37.93 -1.25 -6.92
CA PRO C 70 -37.42 -2.45 -6.27
C PRO C 70 -36.12 -2.95 -6.89
N CYS C 71 -35.18 -3.38 -6.06
CA CYS C 71 -33.97 -4.03 -6.57
C CYS C 71 -33.27 -4.88 -5.52
N ASP C 72 -33.58 -6.16 -5.53
CA ASP C 72 -32.76 -7.14 -4.84
C ASP C 72 -31.61 -7.55 -5.75
N VAL C 73 -30.38 -7.13 -5.41
CA VAL C 73 -29.17 -7.42 -6.22
C VAL C 73 -28.82 -8.91 -6.31
N ALA C 74 -29.48 -9.75 -5.52
CA ALA C 74 -29.35 -11.19 -5.69
C ALA C 74 -29.96 -11.69 -6.99
N ASP C 75 -30.79 -10.86 -7.63
CA ASP C 75 -31.65 -11.29 -8.76
C ASP C 75 -31.31 -10.52 -10.04
N ASP C 76 -30.79 -11.24 -11.04
CA ASP C 76 -30.40 -10.65 -12.32
C ASP C 76 -31.58 -9.93 -12.99
N ALA C 77 -32.78 -10.51 -12.92
CA ALA C 77 -33.97 -9.88 -13.54
C ALA C 77 -34.25 -8.51 -12.92
N GLN C 78 -34.15 -8.42 -11.61
CA GLN C 78 -34.44 -7.16 -10.96
C GLN C 78 -33.44 -6.04 -11.30
N ILE C 79 -32.18 -6.37 -11.41
CA ILE C 79 -31.13 -5.42 -11.77
C ILE C 79 -31.44 -4.86 -13.16
N ASP C 80 -31.81 -5.73 -14.10
CA ASP C 80 -32.09 -5.32 -15.46
C ASP C 80 -33.36 -4.49 -15.53
N ALA C 81 -34.40 -4.91 -14.81
CA ALA C 81 -35.66 -4.16 -14.75
C ALA C 81 -35.53 -2.77 -14.11
N LEU C 82 -34.55 -2.60 -13.20
CA LEU C 82 -34.34 -1.30 -12.52
C LEU C 82 -34.01 -0.23 -13.49
N PHE C 83 -33.06 -0.51 -14.38
CA PHE C 83 -32.61 0.53 -15.31
C PHE C 83 -33.57 0.68 -16.47
N ALA C 84 -34.36 -0.35 -16.76
CA ALA C 84 -35.40 -0.22 -17.80
C ALA C 84 -36.47 0.72 -17.24
N SER C 85 -36.83 0.56 -15.97
CA SER C 85 -37.80 1.47 -15.37
C SER C 85 -37.25 2.84 -15.25
N LEU C 86 -36.03 2.98 -14.72
CA LEU C 86 -35.44 4.30 -14.50
C LEU C 86 -35.32 5.12 -15.79
N LYS C 87 -35.01 4.45 -16.90
CA LYS C 87 -34.86 5.11 -18.18
C LYS C 87 -36.20 5.69 -18.69
N THR C 88 -37.34 5.15 -18.22
CA THR C 88 -38.66 5.75 -18.55
C THR C 88 -38.84 7.15 -17.91
N HIS C 89 -38.06 7.44 -16.87
CA HIS C 89 -38.15 8.74 -16.12
C HIS C 89 -36.98 9.70 -16.39
N TRP C 90 -35.80 9.15 -16.62
CA TRP C 90 -34.61 9.95 -16.81
C TRP C 90 -33.95 9.57 -18.13
N ASP C 91 -33.60 10.55 -18.96
CA ASP C 91 -32.91 10.27 -20.22
C ASP C 91 -31.48 9.73 -19.94
N SER C 92 -30.85 10.20 -18.88
CA SER C 92 -29.53 9.68 -18.48
C SER C 92 -29.28 9.69 -16.98
N LEU C 93 -28.34 8.85 -16.56
CA LEU C 93 -27.94 8.70 -15.15
C LEU C 93 -26.54 9.29 -14.94
N ASP C 94 -26.38 10.17 -13.96
CA ASP C 94 -25.12 10.86 -13.71
C ASP C 94 -24.29 10.29 -12.52
N GLY C 95 -24.96 9.55 -11.62
CA GLY C 95 -24.31 9.04 -10.41
C GLY C 95 -25.01 7.81 -9.87
N LEU C 96 -24.24 6.91 -9.23
CA LEU C 96 -24.79 5.73 -8.61
C LEU C 96 -24.08 5.60 -7.26
N VAL C 97 -24.84 5.40 -6.18
CA VAL C 97 -24.22 5.16 -4.88
C VAL C 97 -24.57 3.77 -4.42
N HIS C 98 -23.54 2.93 -4.30
CA HIS C 98 -23.69 1.57 -3.96
C HIS C 98 -23.38 1.44 -2.49
N SER C 99 -24.40 1.17 -1.70
CA SER C 99 -24.21 1.12 -0.29
C SER C 99 -24.99 -0.06 0.25
N ILE C 100 -24.62 -1.23 -0.20
CA ILE C 100 -25.28 -2.45 0.21
C ILE C 100 -24.18 -3.36 0.62
N GLY C 101 -24.47 -4.46 1.23
CA GLY C 101 -23.35 -5.17 1.81
C GLY C 101 -23.89 -6.02 2.88
N PHE C 102 -23.77 -7.33 2.67
CA PHE C 102 -24.32 -8.32 3.54
C PHE C 102 -23.35 -9.47 3.68
N ALA C 103 -23.23 -9.95 4.93
CA ALA C 103 -22.70 -11.27 5.24
C ALA C 103 -23.60 -11.91 6.28
N PRO C 104 -23.73 -13.25 6.26
CA PRO C 104 -24.46 -13.90 7.36
C PRO C 104 -23.79 -13.57 8.68
N ARG C 105 -24.58 -13.43 9.73
CA ARG C 105 -24.11 -12.96 11.05
C ARG C 105 -22.90 -13.75 11.59
N GLU C 106 -22.92 -15.08 11.46
CA GLU C 106 -21.78 -15.95 11.87
C GLU C 106 -20.49 -15.62 11.13
N ALA C 107 -20.63 -15.16 9.88
CA ALA C 107 -19.50 -14.87 8.98
C ALA C 107 -18.73 -13.58 9.32
N ILE C 108 -19.28 -12.78 10.25
CA ILE C 108 -18.63 -11.55 10.73
C ILE C 108 -18.74 -11.42 12.27
N ALA C 109 -18.65 -12.53 12.99
CA ALA C 109 -18.55 -12.51 14.44
C ALA C 109 -17.57 -13.63 14.86
N GLY C 110 -16.96 -13.52 16.04
CA GLY C 110 -16.02 -14.53 16.51
C GLY C 110 -14.85 -14.80 15.57
N ASP C 111 -14.42 -16.06 15.56
CA ASP C 111 -13.21 -16.51 14.85
C ASP C 111 -13.52 -16.67 13.38
N PHE C 112 -12.57 -16.24 12.54
CA PHE C 112 -12.74 -16.27 11.08
C PHE C 112 -13.13 -17.64 10.54
N LEU C 113 -12.45 -18.69 11.00
CA LEU C 113 -12.71 -20.05 10.47
C LEU C 113 -13.97 -20.67 11.04
N ASP C 114 -14.33 -20.32 12.26
CA ASP C 114 -15.60 -20.80 12.82
C ASP C 114 -16.74 -20.39 11.95
N GLY C 115 -16.71 -19.15 11.48
CA GLY C 115 -17.82 -18.62 10.72
C GLY C 115 -17.74 -18.86 9.23
N LEU C 116 -16.68 -19.52 8.79
CA LEU C 116 -16.48 -19.77 7.37
C LEU C 116 -17.24 -21.00 6.86
N THR C 117 -18.01 -20.81 5.80
CA THR C 117 -18.65 -21.89 5.08
C THR C 117 -18.75 -21.49 3.61
N ARG C 118 -18.95 -22.44 2.71
CA ARG C 118 -18.92 -22.10 1.30
C ARG C 118 -20.06 -21.12 1.00
N GLU C 119 -21.22 -21.38 1.58
CA GLU C 119 -22.40 -20.52 1.34
C GLU C 119 -22.26 -19.12 1.95
N ASN C 120 -21.73 -19.03 3.15
CA ASN C 120 -21.50 -17.73 3.77
C ASN C 120 -20.56 -16.87 2.92
N PHE C 121 -19.50 -17.51 2.40
CA PHE C 121 -18.52 -16.85 1.55
C PHE C 121 -19.21 -16.41 0.27
N ARG C 122 -20.00 -17.30 -0.33
CA ARG C 122 -20.65 -17.02 -1.61
C ARG C 122 -21.56 -15.80 -1.51
N ILE C 123 -22.42 -15.78 -0.51
CA ILE C 123 -23.41 -14.73 -0.33
C ILE C 123 -22.68 -13.43 -0.08
N ALA C 124 -21.66 -13.46 0.75
CA ALA C 124 -20.94 -12.24 1.11
C ALA C 124 -20.33 -11.58 -0.13
N HIS C 125 -19.71 -12.39 -0.98
CA HIS C 125 -19.07 -11.91 -2.21
C HIS C 125 -20.08 -11.44 -3.27
N ASP C 126 -21.20 -12.15 -3.37
CA ASP C 126 -22.27 -11.86 -4.36
C ASP C 126 -22.94 -10.52 -4.02
N ILE C 127 -23.30 -10.33 -2.75
CA ILE C 127 -24.04 -9.12 -2.35
C ILE C 127 -23.11 -7.93 -2.18
N SER C 128 -21.98 -8.16 -1.52
CA SER C 128 -21.11 -7.01 -1.17
C SER C 128 -20.10 -6.67 -2.28
N ALA C 129 -19.71 -7.62 -3.13
CA ALA C 129 -18.66 -7.35 -4.14
C ALA C 129 -19.24 -7.37 -5.53
N TYR C 130 -19.82 -8.50 -5.94
CA TYR C 130 -20.31 -8.68 -7.31
C TYR C 130 -21.32 -7.61 -7.72
N SER C 131 -22.25 -7.29 -6.81
CA SER C 131 -23.33 -6.32 -7.09
C SER C 131 -22.91 -4.95 -7.58
N PHE C 132 -21.73 -4.45 -7.19
CA PHE C 132 -21.27 -3.16 -7.67
C PHE C 132 -21.01 -3.19 -9.17
N PRO C 133 -20.11 -4.06 -9.64
CA PRO C 133 -19.95 -4.01 -11.10
C PRO C 133 -21.12 -4.56 -11.89
N ALA C 134 -22.00 -5.35 -11.28
CA ALA C 134 -23.24 -5.83 -11.92
C ALA C 134 -24.17 -4.65 -12.19
N LEU C 135 -24.35 -3.79 -11.17
CA LEU C 135 -25.11 -2.53 -11.35
C LEU C 135 -24.48 -1.61 -12.39
N ALA C 136 -23.18 -1.45 -12.33
CA ALA C 136 -22.49 -0.60 -13.30
C ALA C 136 -22.78 -1.11 -14.73
N LYS C 137 -22.57 -2.40 -14.96
CA LYS C 137 -22.84 -3.03 -16.26
C LYS C 137 -24.28 -2.77 -16.77
N ALA C 138 -25.25 -3.00 -15.90
CA ALA C 138 -26.66 -2.83 -16.23
C ALA C 138 -27.04 -1.33 -16.44
N ALA C 139 -26.35 -0.43 -15.73
CA ALA C 139 -26.54 1.00 -15.95
C ALA C 139 -25.84 1.52 -17.19
N LEU C 140 -24.82 0.83 -17.69
CA LEU C 140 -23.95 1.45 -18.70
C LEU C 140 -24.72 2.09 -19.87
N PRO C 141 -25.77 1.42 -20.39
CA PRO C 141 -26.43 1.99 -21.58
C PRO C 141 -27.01 3.39 -21.36
N MET C 142 -27.39 3.74 -20.12
CA MET C 142 -27.91 5.07 -19.82
C MET C 142 -26.96 6.00 -19.03
N LEU C 143 -25.72 5.58 -18.74
CA LEU C 143 -24.79 6.47 -18.04
C LEU C 143 -24.37 7.67 -18.89
N SER C 144 -24.39 8.86 -18.32
CA SER C 144 -23.73 10.01 -18.93
C SER C 144 -22.25 9.78 -19.06
N ASP C 145 -21.64 10.47 -20.01
CA ASP C 145 -20.22 10.31 -20.28
C ASP C 145 -19.40 10.73 -19.06
N ASP C 146 -19.92 11.66 -18.29
CA ASP C 146 -19.16 12.09 -17.11
C ASP C 146 -19.80 11.61 -15.82
N ALA C 147 -20.44 10.44 -15.86
CA ALA C 147 -21.04 9.88 -14.64
C ALA C 147 -19.94 9.44 -13.63
N SER C 148 -20.33 9.29 -12.37
CA SER C 148 -19.46 8.93 -11.26
C SER C 148 -20.17 7.88 -10.47
N LEU C 149 -19.50 6.75 -10.23
CA LEU C 149 -20.05 5.64 -9.45
C LEU C 149 -19.25 5.54 -8.13
N LEU C 150 -19.95 5.32 -7.03
CA LEU C 150 -19.39 5.38 -5.68
C LEU C 150 -19.83 4.18 -4.91
N THR C 151 -18.89 3.48 -4.25
CA THR C 151 -19.24 2.38 -3.37
C THR C 151 -18.55 2.67 -2.04
N LEU C 152 -18.95 1.90 -1.04
CA LEU C 152 -18.45 2.03 0.30
C LEU C 152 -17.68 0.77 0.77
N SER C 153 -16.57 1.02 1.46
CA SER C 153 -15.72 -0.03 1.96
C SER C 153 -15.31 0.31 3.39
N TYR C 154 -14.43 -0.51 3.93
CA TYR C 154 -13.98 -0.45 5.32
C TYR C 154 -12.53 -0.93 5.38
N LEU C 155 -11.76 -0.32 6.28
CA LEU C 155 -10.36 -0.68 6.54
C LEU C 155 -10.07 -2.16 6.73
N GLY C 156 -11.08 -2.92 7.16
CA GLY C 156 -10.99 -4.39 7.19
C GLY C 156 -10.62 -5.07 5.88
N ALA C 157 -10.79 -4.39 4.76
CA ALA C 157 -10.32 -4.93 3.46
C ALA C 157 -8.81 -4.94 3.36
N GLU C 158 -8.14 -4.01 4.06
CA GLU C 158 -6.70 -3.76 3.95
C GLU C 158 -5.88 -4.47 5.02
N ARG C 159 -6.40 -4.54 6.25
CA ARG C 159 -5.70 -5.15 7.39
C ARG C 159 -6.72 -6.00 8.13
N ALA C 160 -6.26 -7.01 8.86
CA ALA C 160 -7.16 -7.89 9.61
C ALA C 160 -7.70 -7.17 10.86
N ILE C 161 -9.00 -6.97 10.87
CA ILE C 161 -9.75 -6.40 12.00
C ILE C 161 -10.55 -7.50 12.70
N PRO C 162 -10.45 -7.60 14.05
CA PRO C 162 -11.22 -8.61 14.77
C PRO C 162 -12.70 -8.63 14.39
N ASN C 163 -13.25 -9.82 14.19
CA ASN C 163 -14.66 -10.03 13.83
C ASN C 163 -15.12 -9.68 12.40
N TYR C 164 -14.38 -8.86 11.68
CA TYR C 164 -14.84 -8.44 10.34
C TYR C 164 -14.78 -9.64 9.36
N ASN C 165 -13.77 -10.48 9.51
CA ASN C 165 -13.75 -11.82 8.95
C ASN C 165 -14.07 -11.90 7.43
N THR C 166 -15.05 -12.70 7.04
CA THR C 166 -15.42 -12.88 5.64
C THR C 166 -15.77 -11.57 4.91
N MET C 167 -16.33 -10.61 5.63
CA MET C 167 -16.58 -9.30 5.05
C MET C 167 -15.29 -8.64 4.58
N GLY C 168 -14.20 -8.85 5.29
CA GLY C 168 -12.89 -8.33 4.84
C GLY C 168 -12.41 -8.88 3.50
N LEU C 169 -12.65 -10.16 3.29
CA LEU C 169 -12.40 -10.77 1.98
C LEU C 169 -13.26 -10.12 0.86
N ALA C 170 -14.56 -9.97 1.14
CA ALA C 170 -15.53 -9.39 0.18
C ALA C 170 -15.25 -7.92 -0.11
N LYS C 171 -14.78 -7.16 0.88
CA LYS C 171 -14.50 -5.75 0.65
C LYS C 171 -13.21 -5.56 -0.13
N ALA C 172 -12.26 -6.49 0.04
CA ALA C 172 -11.03 -6.51 -0.76
C ALA C 172 -11.38 -6.71 -2.25
N ALA C 173 -12.26 -7.65 -2.55
CA ALA C 173 -12.76 -7.88 -3.90
C ALA C 173 -13.51 -6.68 -4.46
N LEU C 174 -14.37 -6.08 -3.63
CA LEU C 174 -14.98 -4.77 -3.97
C LEU C 174 -14.02 -3.64 -4.38
N GLU C 175 -12.97 -3.40 -3.59
CA GLU C 175 -11.99 -2.37 -3.90
C GLU C 175 -11.19 -2.70 -5.16
N ALA C 176 -10.82 -3.98 -5.37
CA ALA C 176 -10.34 -4.41 -6.69
C ALA C 176 -11.33 -4.14 -7.84
N SER C 177 -12.62 -4.39 -7.62
CA SER C 177 -13.62 -4.08 -8.68
C SER C 177 -13.65 -2.59 -9.01
N VAL C 178 -13.31 -1.73 -8.03
CA VAL C 178 -13.22 -0.29 -8.28
C VAL C 178 -12.19 0.03 -9.33
N ARG C 179 -11.04 -0.62 -9.23
CA ARG C 179 -9.94 -0.36 -10.18
C ARG C 179 -10.23 -0.94 -11.57
N TYR C 180 -10.73 -2.16 -11.61
CA TYR C 180 -11.07 -2.78 -12.90
C TYR C 180 -12.26 -2.03 -13.62
N LEU C 181 -13.26 -1.62 -12.85
CA LEU C 181 -14.36 -0.79 -13.40
C LEU C 181 -13.87 0.52 -13.90
N ALA C 182 -12.97 1.20 -13.15
CA ALA C 182 -12.37 2.43 -13.64
C ALA C 182 -11.74 2.32 -15.00
N VAL C 183 -11.01 1.23 -15.26
CA VAL C 183 -10.40 1.01 -16.57
C VAL C 183 -11.47 0.76 -17.63
N SER C 184 -12.44 -0.11 -17.32
CA SER C 184 -13.48 -0.53 -18.26
C SER C 184 -14.40 0.64 -18.67
N LEU C 185 -14.72 1.51 -17.72
CA LEU C 185 -15.66 2.63 -17.98
C LEU C 185 -14.97 3.98 -18.27
N GLY C 186 -13.68 4.04 -18.08
CA GLY C 186 -12.99 5.30 -18.07
C GLY C 186 -12.76 5.98 -19.41
N ALA C 187 -12.52 5.21 -20.47
CA ALA C 187 -12.39 5.81 -21.82
C ALA C 187 -13.63 6.61 -22.17
N LYS C 188 -14.79 6.09 -21.80
CA LYS C 188 -16.07 6.82 -21.97
C LYS C 188 -16.06 8.15 -21.19
N GLY C 189 -15.45 8.13 -20.00
CA GLY C 189 -15.30 9.33 -19.18
C GLY C 189 -15.86 9.14 -17.77
N VAL C 190 -16.40 7.96 -17.52
CA VAL C 190 -17.04 7.64 -16.24
C VAL C 190 -15.98 7.35 -15.14
N ARG C 191 -16.18 7.91 -13.93
CA ARG C 191 -15.24 7.70 -12.81
C ARG C 191 -15.84 6.72 -11.83
N VAL C 192 -14.98 5.97 -11.14
CA VAL C 192 -15.41 4.97 -10.20
C VAL C 192 -14.49 5.06 -8.97
N ASN C 193 -15.08 5.29 -7.81
CA ASN C 193 -14.33 5.41 -6.56
C ASN C 193 -15.00 4.67 -5.43
N ALA C 194 -14.27 4.51 -4.32
CA ALA C 194 -14.89 4.05 -3.06
C ALA C 194 -14.50 4.99 -1.92
N ILE C 195 -15.35 5.05 -0.91
CA ILE C 195 -14.98 5.66 0.35
C ILE C 195 -14.78 4.56 1.34
N SER C 196 -13.65 4.56 2.02
CA SER C 196 -13.44 3.64 3.11
C SER C 196 -13.78 4.41 4.38
N ALA C 197 -14.98 4.18 4.90
CA ALA C 197 -15.57 4.94 6.01
C ALA C 197 -15.17 4.32 7.35
N GLY C 198 -14.95 5.14 8.38
CA GLY C 198 -14.76 4.66 9.70
C GLY C 198 -16.12 4.28 10.26
N PRO C 199 -16.12 3.61 11.40
CA PRO C 199 -17.37 3.25 12.07
C PRO C 199 -18.16 4.51 12.51
N ILE C 200 -19.46 4.37 12.63
CA ILE C 200 -20.31 5.51 12.99
C ILE C 200 -20.99 5.24 14.33
N LYS C 201 -21.00 6.24 15.21
CA LYS C 201 -21.67 6.19 16.51
C LYS C 201 -23.18 6.22 16.28
N THR C 202 -23.86 5.23 16.86
CA THR C 202 -25.32 5.14 16.93
C THR C 202 -25.64 4.04 17.93
N SER C 210 -19.31 -4.51 22.24
CA SER C 210 -18.15 -4.92 21.46
C SER C 210 -17.84 -4.00 20.27
N PHE C 211 -18.89 -3.44 19.68
CA PHE C 211 -18.73 -2.42 18.64
C PHE C 211 -18.34 -1.13 19.34
N GLY C 212 -18.76 -0.99 20.60
CA GLY C 212 -18.26 0.07 21.49
C GLY C 212 -16.75 0.06 21.67
N LYS C 213 -16.17 -1.14 21.75
CA LYS C 213 -14.70 -1.32 21.81
C LYS C 213 -14.04 -0.63 20.63
N ILE C 214 -14.61 -0.87 19.46
CA ILE C 214 -14.11 -0.26 18.25
C ILE C 214 -14.34 1.27 18.31
N LEU C 215 -15.56 1.74 18.66
CA LEU C 215 -15.85 3.19 18.60
C LEU C 215 -14.97 3.95 19.59
N ASP C 216 -14.85 3.40 20.79
CA ASP C 216 -14.01 4.04 21.79
C ASP C 216 -12.54 4.04 21.41
N PHE C 217 -12.05 2.94 20.85
CA PHE C 217 -10.67 2.81 20.43
C PHE C 217 -10.38 3.83 19.32
N VAL C 218 -11.26 3.88 18.31
CA VAL C 218 -11.09 4.84 17.22
C VAL C 218 -11.10 6.25 17.76
N GLU C 219 -12.03 6.57 18.66
CA GLU C 219 -12.08 7.93 19.24
C GLU C 219 -10.82 8.27 20.02
N SER C 220 -10.25 7.29 20.73
CA SER C 220 -9.01 7.54 21.46
C SER C 220 -7.74 7.51 20.62
N ASN C 221 -7.74 6.80 19.49
CA ASN C 221 -6.47 6.56 18.78
C ASN C 221 -6.33 7.22 17.41
N SER C 222 -7.45 7.65 16.85
CA SER C 222 -7.43 8.37 15.56
C SER C 222 -6.73 9.71 15.73
N PRO C 223 -6.03 10.18 14.68
CA PRO C 223 -5.40 11.48 14.71
C PRO C 223 -6.35 12.62 15.14
N LEU C 224 -7.59 12.67 14.63
CA LEU C 224 -8.57 13.69 15.03
C LEU C 224 -9.32 13.41 16.34
N LYS C 225 -9.00 12.30 16.98
CA LYS C 225 -9.59 11.96 18.28
C LYS C 225 -11.08 11.98 18.29
N ARG C 226 -11.72 11.53 17.20
CA ARG C 226 -13.17 11.53 17.12
C ARG C 226 -13.58 10.56 16.04
N ASN C 227 -14.80 10.02 16.16
CA ASN C 227 -15.39 9.21 15.13
C ASN C 227 -15.93 10.08 14.01
N VAL C 228 -15.88 9.59 12.78
CA VAL C 228 -16.55 10.25 11.67
C VAL C 228 -18.05 10.22 11.80
N THR C 229 -18.69 11.24 11.26
CA THR C 229 -20.14 11.34 11.22
C THR C 229 -20.69 11.02 9.82
N ILE C 230 -21.94 10.59 9.77
CA ILE C 230 -22.55 10.38 8.45
C ILE C 230 -22.56 11.66 7.60
N GLU C 231 -22.56 12.83 8.23
CA GLU C 231 -22.42 14.11 7.51
C GLU C 231 -21.06 14.25 6.82
N GLN C 232 -19.98 13.87 7.52
CA GLN C 232 -18.63 13.94 6.94
C GLN C 232 -18.48 12.94 5.77
N VAL C 233 -19.07 11.77 5.93
CA VAL C 233 -18.96 10.73 4.88
C VAL C 233 -19.85 11.19 3.72
N GLY C 234 -20.95 11.87 4.05
CA GLY C 234 -21.87 12.34 3.05
C GLY C 234 -21.32 13.39 2.16
N ASN C 235 -20.63 14.37 2.77
CA ASN C 235 -19.91 15.37 2.05
C ASN C 235 -18.77 14.86 1.16
N ALA C 236 -18.00 13.93 1.68
CA ALA C 236 -16.96 13.27 0.89
C ALA C 236 -17.58 12.55 -0.35
N GLY C 237 -18.70 11.89 -0.15
CA GLY C 237 -19.36 11.20 -1.26
C GLY C 237 -19.90 12.16 -2.31
N ALA C 238 -20.58 13.21 -1.85
CA ALA C 238 -21.06 14.26 -2.76
C ALA C 238 -19.93 14.83 -3.58
N PHE C 239 -18.78 15.11 -2.96
CA PHE C 239 -17.59 15.59 -3.68
C PHE C 239 -17.20 14.61 -4.80
N LEU C 240 -17.05 13.33 -4.45
CA LEU C 240 -16.63 12.28 -5.42
C LEU C 240 -17.63 12.08 -6.58
N LEU C 241 -18.90 12.31 -6.26
CA LEU C 241 -19.99 12.27 -7.27
C LEU C 241 -19.99 13.48 -8.19
N SER C 242 -19.32 14.57 -7.82
CA SER C 242 -19.34 15.84 -8.56
C SER C 242 -18.16 16.07 -9.49
N ASP C 243 -18.32 17.10 -10.31
CA ASP C 243 -17.30 17.52 -11.25
C ASP C 243 -16.06 18.14 -10.60
N LEU C 244 -16.18 18.55 -9.32
CA LEU C 244 -15.01 18.94 -8.48
C LEU C 244 -13.95 17.81 -8.41
N ALA C 245 -14.42 16.57 -8.49
CA ALA C 245 -13.61 15.36 -8.48
C ALA C 245 -13.33 14.74 -9.85
N SER C 246 -13.40 15.53 -10.93
CA SER C 246 -13.21 14.96 -12.27
C SER C 246 -11.80 14.40 -12.53
N GLY C 247 -10.83 14.80 -11.73
CA GLY C 247 -9.49 14.22 -11.83
C GLY C 247 -9.27 12.92 -11.06
N VAL C 248 -10.31 12.48 -10.34
CA VAL C 248 -10.23 11.38 -9.38
C VAL C 248 -11.04 10.13 -9.83
N THR C 249 -10.36 9.01 -10.03
CA THR C 249 -11.02 7.76 -10.35
C THR C 249 -10.10 6.63 -9.85
N ALA C 250 -10.69 5.45 -9.61
CA ALA C 250 -9.97 4.25 -9.15
C ALA C 250 -9.44 4.43 -7.72
N GLU C 251 -10.00 5.38 -6.98
CA GLU C 251 -9.44 5.74 -5.65
C GLU C 251 -10.31 5.13 -4.56
N VAL C 252 -9.65 4.70 -3.48
CA VAL C 252 -10.30 4.35 -2.22
C VAL C 252 -9.90 5.46 -1.28
N MET C 253 -10.83 6.36 -0.98
CA MET C 253 -10.58 7.53 -0.15
C MET C 253 -10.94 7.18 1.28
N HIS C 254 -10.04 7.40 2.23
CA HIS C 254 -10.43 7.14 3.63
C HIS C 254 -11.10 8.37 4.22
N VAL C 255 -12.27 8.14 4.81
CA VAL C 255 -13.04 9.15 5.55
C VAL C 255 -13.30 8.52 6.94
N ASP C 256 -12.31 8.68 7.81
CA ASP C 256 -12.23 7.92 9.02
C ASP C 256 -11.39 8.62 10.14
N SER C 257 -11.32 9.96 10.07
CA SER C 257 -10.58 10.78 11.07
C SER C 257 -9.08 10.40 11.11
N GLY C 258 -8.60 9.79 10.03
CA GLY C 258 -7.23 9.36 9.93
C GLY C 258 -6.78 8.09 10.56
N PHE C 259 -7.73 7.25 11.00
CA PHE C 259 -7.45 6.08 11.77
C PHE C 259 -6.60 5.08 10.97
N ASN C 260 -6.86 4.98 9.67
CA ASN C 260 -6.12 4.02 8.84
C ASN C 260 -4.57 4.26 8.79
N ALA C 261 -4.16 5.50 9.04
CA ALA C 261 -2.76 5.92 8.88
C ALA C 261 -1.90 5.77 10.13
N VAL C 262 -2.47 5.30 11.23
CA VAL C 262 -1.70 5.09 12.45
C VAL C 262 -1.64 3.64 12.91
N VAL C 263 -0.67 3.37 13.79
CA VAL C 263 -0.64 2.14 14.53
C VAL C 263 -1.18 2.50 15.89
N GLY C 264 -2.47 2.30 16.08
CA GLY C 264 -3.15 2.84 17.25
C GLY C 264 -2.88 2.03 18.49
N GLY C 265 -2.84 2.68 19.64
CA GLY C 265 -2.83 1.97 20.92
C GLY C 265 -1.46 1.57 21.40
N MET C 266 -0.43 1.81 20.59
CA MET C 266 0.88 1.17 20.70
C MET C 266 1.89 2.02 21.47
N MET D 9 20.63 -32.60 5.88
CA MET D 9 20.92 -31.29 6.56
C MET D 9 20.18 -30.13 5.85
N GLY D 10 19.23 -30.44 4.95
CA GLY D 10 18.44 -29.41 4.26
C GLY D 10 17.61 -28.58 5.24
N PHE D 11 17.14 -27.41 4.80
CA PHE D 11 16.41 -26.51 5.70
C PHE D 11 14.93 -26.87 5.89
N LEU D 12 14.47 -27.91 5.19
CA LEU D 12 13.12 -28.46 5.38
C LEU D 12 13.17 -29.92 5.85
N ASP D 13 14.27 -30.30 6.47
CA ASP D 13 14.46 -31.70 6.85
C ASP D 13 13.39 -32.19 7.81
N GLY D 14 12.72 -33.26 7.44
CA GLY D 14 11.66 -33.78 8.27
C GLY D 14 10.27 -33.21 8.02
N LYS D 15 10.16 -32.04 7.38
CA LYS D 15 8.86 -31.40 7.21
C LYS D 15 8.02 -32.20 6.22
N ARG D 16 6.77 -32.46 6.56
CA ARG D 16 5.83 -33.12 5.64
C ARG D 16 4.88 -32.11 5.04
N ILE D 17 4.91 -32.00 3.71
CA ILE D 17 4.26 -30.90 3.04
C ILE D 17 3.36 -31.43 1.95
N LEU D 18 2.14 -30.90 1.89
CA LEU D 18 1.11 -31.23 0.86
C LEU D 18 0.99 -30.13 -0.21
N LEU D 19 1.05 -30.53 -1.46
CA LEU D 19 1.05 -29.61 -2.59
C LEU D 19 -0.13 -29.84 -3.52
N THR D 20 -0.90 -28.78 -3.77
CA THR D 20 -1.97 -28.80 -4.77
C THR D 20 -1.48 -28.16 -6.07
N GLY D 21 -2.25 -28.36 -7.11
CA GLY D 21 -2.04 -27.68 -8.38
C GLY D 21 -0.84 -28.14 -9.20
N LEU D 22 -0.30 -29.33 -8.94
CA LEU D 22 0.82 -29.88 -9.77
C LEU D 22 0.25 -30.55 -11.03
N LEU D 23 0.35 -29.89 -12.16
CA LEU D 23 -0.17 -30.44 -13.42
C LEU D 23 0.89 -30.75 -14.47
N SER D 24 2.08 -30.17 -14.34
CA SER D 24 3.12 -30.32 -15.34
C SER D 24 4.44 -29.89 -14.78
N ASN D 25 5.51 -30.28 -15.47
CA ASN D 25 6.82 -29.89 -15.01
C ASN D 25 7.09 -28.39 -15.16
N ARG D 26 6.16 -27.63 -15.73
CA ARG D 26 6.22 -26.17 -15.74
C ARG D 26 5.28 -25.51 -14.69
N SER D 27 4.61 -26.31 -13.87
CA SER D 27 3.76 -25.77 -12.83
C SER D 27 4.64 -25.06 -11.78
N ILE D 28 4.10 -23.98 -11.19
CA ILE D 28 4.76 -23.33 -10.08
C ILE D 28 4.88 -24.36 -8.99
N ALA D 29 3.84 -25.20 -8.84
CA ALA D 29 3.84 -26.22 -7.81
C ALA D 29 4.99 -27.23 -8.00
N TYR D 30 5.33 -27.55 -9.23
CA TYR D 30 6.49 -28.42 -9.53
C TYR D 30 7.82 -27.83 -9.04
N GLY D 31 8.03 -26.56 -9.33
CA GLY D 31 9.17 -25.80 -8.82
C GLY D 31 9.27 -25.77 -7.31
N ILE D 32 8.15 -25.58 -6.64
CA ILE D 32 8.16 -25.57 -5.19
C ILE D 32 8.41 -26.97 -4.65
N ALA D 33 7.76 -27.96 -5.25
CA ALA D 33 8.07 -29.37 -4.95
C ALA D 33 9.54 -29.73 -5.11
N LYS D 34 10.19 -29.32 -6.22
CA LYS D 34 11.64 -29.61 -6.42
C LYS D 34 12.49 -29.02 -5.31
N ALA D 35 12.17 -27.77 -4.94
CA ALA D 35 12.99 -27.05 -3.99
C ALA D 35 12.80 -27.67 -2.60
N CYS D 36 11.57 -28.05 -2.27
CA CYS D 36 11.27 -28.62 -0.97
C CYS D 36 11.93 -30.01 -0.84
N LYS D 37 11.77 -30.84 -1.86
CA LYS D 37 12.47 -32.11 -1.88
C LYS D 37 13.96 -31.91 -1.72
N ARG D 38 14.53 -30.96 -2.47
CA ARG D 38 15.96 -30.64 -2.36
C ARG D 38 16.36 -30.38 -0.92
N GLU D 39 15.49 -29.67 -0.21
CA GLU D 39 15.78 -29.26 1.15
C GLU D 39 15.32 -30.26 2.22
N GLY D 40 14.92 -31.46 1.77
CA GLY D 40 14.70 -32.58 2.72
C GLY D 40 13.28 -32.87 3.16
N ALA D 41 12.29 -32.27 2.52
CA ALA D 41 10.89 -32.46 2.93
C ALA D 41 10.39 -33.76 2.39
N GLU D 42 9.39 -34.34 3.04
CA GLU D 42 8.62 -35.45 2.48
C GLU D 42 7.32 -34.87 1.89
N LEU D 43 6.96 -35.25 0.67
CA LEU D 43 5.85 -34.61 -0.05
C LEU D 43 4.67 -35.55 -0.22
N ALA D 44 3.48 -34.92 -0.30
CA ALA D 44 2.24 -35.56 -0.73
C ALA D 44 1.58 -34.62 -1.72
N PHE D 45 0.72 -35.14 -2.57
CA PHE D 45 0.13 -34.39 -3.70
C PHE D 45 -1.35 -34.68 -3.84
N THR D 46 -2.10 -33.65 -4.28
CA THR D 46 -3.46 -33.77 -4.74
C THR D 46 -3.60 -33.75 -6.27
N TYR D 47 -4.70 -34.32 -6.76
CA TYR D 47 -5.10 -34.25 -8.19
C TYR D 47 -6.60 -34.13 -8.32
N VAL D 48 -7.07 -33.66 -9.48
CA VAL D 48 -8.50 -33.53 -9.78
C VAL D 48 -8.89 -34.53 -10.87
N GLY D 49 -9.77 -35.45 -10.52
CA GLY D 49 -10.34 -36.40 -11.47
C GLY D 49 -9.52 -37.68 -11.65
N ASP D 50 -10.24 -38.80 -11.65
CA ASP D 50 -9.67 -40.11 -11.96
C ASP D 50 -8.73 -40.02 -13.15
N ARG D 51 -9.15 -39.26 -14.15
CA ARG D 51 -8.40 -39.05 -15.39
C ARG D 51 -6.93 -38.64 -15.21
N PHE D 52 -6.57 -38.10 -14.04
CA PHE D 52 -5.21 -37.57 -13.82
C PHE D 52 -4.43 -38.36 -12.75
N LYS D 53 -4.97 -39.46 -12.25
CA LYS D 53 -4.31 -40.20 -11.15
C LYS D 53 -2.91 -40.74 -11.51
N ASP D 54 -2.75 -41.19 -12.75
CA ASP D 54 -1.50 -41.78 -13.25
C ASP D 54 -0.41 -40.74 -13.40
N ARG D 55 -0.75 -39.61 -14.03
CA ARG D 55 0.23 -38.55 -14.26
C ARG D 55 0.73 -38.00 -12.91
N ILE D 56 -0.12 -37.92 -11.89
CA ILE D 56 0.32 -37.41 -10.60
C ILE D 56 1.13 -38.42 -9.83
N THR D 57 0.77 -39.71 -9.94
CA THR D 57 1.54 -40.78 -9.28
C THR D 57 2.98 -40.77 -9.78
N GLU D 58 3.15 -40.53 -11.07
CA GLU D 58 4.46 -40.36 -11.67
C GLU D 58 5.22 -39.19 -11.10
N PHE D 59 4.60 -38.01 -11.16
CA PHE D 59 5.24 -36.84 -10.58
C PHE D 59 5.60 -37.11 -9.16
N ALA D 60 4.65 -37.65 -8.39
CA ALA D 60 4.92 -38.00 -7.01
C ALA D 60 6.17 -38.87 -6.89
N ALA D 61 6.26 -39.90 -7.74
CA ALA D 61 7.40 -40.86 -7.75
C ALA D 61 8.73 -40.15 -8.00
N GLU D 62 8.71 -39.19 -8.91
CA GLU D 62 9.87 -38.32 -9.14
C GLU D 62 10.39 -37.69 -7.83
N PHE D 63 9.48 -37.42 -6.88
CA PHE D 63 9.88 -36.82 -5.58
C PHE D 63 9.90 -37.76 -4.38
N GLY D 64 10.10 -39.06 -4.66
CA GLY D 64 10.20 -40.06 -3.62
C GLY D 64 8.92 -40.35 -2.86
N SER D 65 7.77 -40.08 -3.46
CA SER D 65 6.49 -40.17 -2.73
C SER D 65 5.48 -41.06 -3.42
N GLU D 66 4.69 -41.77 -2.62
CA GLU D 66 3.54 -42.52 -3.11
C GLU D 66 2.23 -42.01 -2.53
N LEU D 67 2.24 -40.80 -1.98
CA LEU D 67 1.05 -40.28 -1.32
C LEU D 67 0.38 -39.32 -2.26
N VAL D 68 -0.65 -39.78 -2.97
CA VAL D 68 -1.43 -38.91 -3.85
C VAL D 68 -2.91 -39.09 -3.54
N PHE D 69 -3.66 -37.98 -3.58
CA PHE D 69 -5.07 -37.96 -3.18
C PHE D 69 -5.93 -37.06 -4.08
N PRO D 70 -7.15 -37.49 -4.41
CA PRO D 70 -8.09 -36.73 -5.20
C PRO D 70 -8.68 -35.59 -4.39
N CYS D 71 -8.78 -34.41 -4.99
CA CYS D 71 -9.39 -33.29 -4.31
C CYS D 71 -9.85 -32.19 -5.26
N ASP D 72 -11.14 -32.25 -5.61
CA ASP D 72 -11.81 -31.15 -6.29
C ASP D 72 -12.35 -30.19 -5.21
N VAL D 73 -11.77 -28.99 -5.14
CA VAL D 73 -12.12 -28.02 -4.09
C VAL D 73 -13.51 -27.35 -4.26
N ALA D 74 -14.14 -27.55 -5.41
CA ALA D 74 -15.55 -27.25 -5.57
C ALA D 74 -16.46 -28.11 -4.62
N ASP D 75 -15.90 -29.14 -3.99
CA ASP D 75 -16.69 -30.17 -3.29
C ASP D 75 -16.30 -30.33 -1.83
N ASP D 76 -17.19 -29.97 -0.94
CA ASP D 76 -16.94 -30.09 0.49
C ASP D 76 -16.54 -31.52 0.90
N ALA D 77 -17.25 -32.55 0.43
CA ALA D 77 -16.93 -33.94 0.81
C ALA D 77 -15.49 -34.28 0.46
N GLN D 78 -15.05 -33.92 -0.75
CA GLN D 78 -13.67 -34.23 -1.15
C GLN D 78 -12.59 -33.57 -0.28
N ILE D 79 -12.84 -32.33 0.15
CA ILE D 79 -11.92 -31.59 1.02
C ILE D 79 -11.78 -32.31 2.37
N ASP D 80 -12.91 -32.71 2.94
CA ASP D 80 -12.89 -33.42 4.21
C ASP D 80 -12.24 -34.81 4.08
N ALA D 81 -12.52 -35.51 2.99
CA ALA D 81 -11.91 -36.83 2.73
C ALA D 81 -10.38 -36.81 2.53
N LEU D 82 -9.86 -35.69 2.00
CA LEU D 82 -8.41 -35.55 1.76
C LEU D 82 -7.64 -35.68 3.06
N PHE D 83 -8.11 -35.01 4.11
CA PHE D 83 -7.37 -34.97 5.34
C PHE D 83 -7.65 -36.23 6.15
N ALA D 84 -8.85 -36.79 6.01
CA ALA D 84 -9.13 -38.11 6.61
C ALA D 84 -8.14 -39.15 6.07
N SER D 85 -7.97 -39.19 4.75
CA SER D 85 -7.01 -40.04 4.09
C SER D 85 -5.60 -39.77 4.52
N LEU D 86 -5.21 -38.49 4.43
CA LEU D 86 -3.84 -38.11 4.75
C LEU D 86 -3.45 -38.51 6.15
N LYS D 87 -4.38 -38.39 7.10
CA LYS D 87 -4.11 -38.72 8.50
C LYS D 87 -3.74 -40.21 8.70
N THR D 88 -4.17 -41.09 7.79
CA THR D 88 -3.86 -42.52 7.96
C THR D 88 -2.37 -42.80 7.64
N HIS D 89 -1.70 -41.82 7.02
CA HIS D 89 -0.28 -41.93 6.64
C HIS D 89 0.58 -40.99 7.43
N TRP D 90 0.07 -39.78 7.70
CA TRP D 90 0.82 -38.78 8.46
C TRP D 90 0.04 -38.41 9.68
N ASP D 91 0.68 -38.50 10.81
CA ASP D 91 0.05 -38.09 12.05
C ASP D 91 -0.15 -36.57 12.10
N SER D 92 0.75 -35.81 11.46
CA SER D 92 0.61 -34.36 11.39
C SER D 92 1.17 -33.81 10.08
N LEU D 93 0.69 -32.61 9.74
CA LEU D 93 1.02 -31.91 8.49
C LEU D 93 1.78 -30.61 8.80
N ASP D 94 2.95 -30.43 8.16
CA ASP D 94 3.77 -29.25 8.42
C ASP D 94 3.62 -28.11 7.40
N GLY D 95 3.18 -28.42 6.20
CA GLY D 95 2.96 -27.40 5.17
C GLY D 95 1.92 -27.76 4.13
N LEU D 96 1.30 -26.70 3.60
CA LEU D 96 0.28 -26.74 2.56
C LEU D 96 0.64 -25.73 1.48
N VAL D 97 0.70 -26.17 0.23
CA VAL D 97 0.92 -25.24 -0.86
C VAL D 97 -0.36 -25.24 -1.68
N HIS D 98 -0.99 -24.08 -1.78
CA HIS D 98 -2.24 -23.82 -2.51
C HIS D 98 -1.89 -23.09 -3.80
N SER D 99 -1.99 -23.80 -4.91
CA SER D 99 -1.56 -23.29 -6.22
C SER D 99 -2.58 -23.69 -7.28
N ILE D 100 -3.81 -23.25 -7.05
CA ILE D 100 -4.95 -23.57 -7.88
C ILE D 100 -5.75 -22.29 -8.01
N GLY D 101 -6.50 -22.19 -9.07
CA GLY D 101 -7.02 -20.89 -9.36
C GLY D 101 -7.54 -20.99 -10.74
N PHE D 102 -8.84 -20.76 -10.84
CA PHE D 102 -9.51 -20.87 -12.11
C PHE D 102 -10.51 -19.72 -12.18
N ALA D 103 -10.63 -19.15 -13.38
CA ALA D 103 -11.80 -18.38 -13.75
C ALA D 103 -12.15 -18.81 -15.19
N PRO D 104 -13.45 -18.86 -15.52
CA PRO D 104 -13.81 -19.11 -16.92
C PRO D 104 -13.04 -18.20 -17.92
N ARG D 105 -12.67 -18.79 -19.06
CA ARG D 105 -11.92 -18.10 -20.12
C ARG D 105 -12.37 -16.67 -20.38
N GLU D 106 -13.68 -16.49 -20.56
CA GLU D 106 -14.28 -15.16 -20.87
C GLU D 106 -14.00 -14.14 -19.74
N ALA D 107 -13.92 -14.62 -18.50
CA ALA D 107 -13.76 -13.77 -17.30
C ALA D 107 -12.34 -13.24 -17.09
N ILE D 108 -11.40 -13.68 -17.95
CA ILE D 108 -9.99 -13.32 -17.83
C ILE D 108 -9.37 -12.94 -19.19
N ALA D 109 -10.20 -12.46 -20.13
CA ALA D 109 -9.73 -11.96 -21.45
C ALA D 109 -10.65 -10.79 -21.88
N GLY D 110 -10.17 -9.90 -22.74
CA GLY D 110 -10.97 -8.76 -23.20
C GLY D 110 -11.39 -7.77 -22.12
N ASP D 111 -12.56 -7.16 -22.29
CA ASP D 111 -13.05 -6.14 -21.38
C ASP D 111 -13.61 -6.76 -20.11
N PHE D 112 -13.39 -6.09 -18.99
CA PHE D 112 -13.82 -6.61 -17.69
C PHE D 112 -15.33 -6.81 -17.61
N LEU D 113 -16.09 -5.83 -18.07
CA LEU D 113 -17.56 -5.95 -18.01
C LEU D 113 -18.12 -6.96 -19.03
N ASP D 114 -17.53 -7.07 -20.21
CA ASP D 114 -18.01 -8.08 -21.19
C ASP D 114 -17.95 -9.47 -20.62
N GLY D 115 -16.87 -9.78 -19.91
CA GLY D 115 -16.71 -11.10 -19.30
C GLY D 115 -17.39 -11.28 -17.96
N LEU D 116 -17.94 -10.22 -17.39
CA LEU D 116 -18.54 -10.35 -16.06
C LEU D 116 -19.91 -11.02 -16.14
N THR D 117 -20.08 -12.10 -15.39
CA THR D 117 -21.42 -12.66 -15.14
C THR D 117 -21.43 -13.11 -13.68
N ARG D 118 -22.61 -13.35 -13.11
CA ARG D 118 -22.69 -13.79 -11.72
C ARG D 118 -21.97 -15.14 -11.52
N GLU D 119 -22.12 -16.04 -12.48
CA GLU D 119 -21.57 -17.38 -12.32
C GLU D 119 -20.07 -17.38 -12.52
N ASN D 120 -19.57 -16.59 -13.46
CA ASN D 120 -18.14 -16.43 -13.66
C ASN D 120 -17.50 -15.91 -12.40
N PHE D 121 -18.15 -14.91 -11.79
CA PHE D 121 -17.67 -14.31 -10.56
C PHE D 121 -17.69 -15.36 -9.46
N ARG D 122 -18.74 -16.17 -9.41
CA ARG D 122 -18.89 -17.11 -8.31
C ARG D 122 -17.80 -18.16 -8.35
N ILE D 123 -17.61 -18.72 -9.53
CA ILE D 123 -16.60 -19.74 -9.77
C ILE D 123 -15.20 -19.24 -9.47
N ALA D 124 -14.88 -18.04 -9.91
CA ALA D 124 -13.51 -17.51 -9.74
C ALA D 124 -13.22 -17.35 -8.26
N HIS D 125 -14.19 -16.88 -7.49
CA HIS D 125 -13.95 -16.62 -6.05
C HIS D 125 -13.97 -17.91 -5.24
N ASP D 126 -14.80 -18.85 -5.68
CA ASP D 126 -14.97 -20.15 -5.00
C ASP D 126 -13.69 -21.00 -5.12
N ILE D 127 -13.15 -21.11 -6.34
CA ILE D 127 -11.98 -21.95 -6.58
C ILE D 127 -10.68 -21.22 -6.22
N SER D 128 -10.56 -19.94 -6.56
CA SER D 128 -9.31 -19.21 -6.34
C SER D 128 -9.14 -18.53 -5.01
N ALA D 129 -10.23 -18.18 -4.32
CA ALA D 129 -10.15 -17.52 -3.01
C ALA D 129 -10.61 -18.45 -1.90
N TYR D 130 -11.89 -18.81 -1.90
CA TYR D 130 -12.49 -19.61 -0.81
C TYR D 130 -11.73 -20.93 -0.51
N SER D 131 -11.33 -21.66 -1.53
CA SER D 131 -10.59 -22.91 -1.35
C SER D 131 -9.37 -22.88 -0.40
N PHE D 132 -8.63 -21.75 -0.31
CA PHE D 132 -7.49 -21.68 0.57
C PHE D 132 -7.90 -21.81 2.03
N PRO D 133 -8.70 -20.87 2.57
CA PRO D 133 -9.09 -21.05 3.96
C PRO D 133 -9.94 -22.31 4.18
N ALA D 134 -10.65 -22.76 3.15
CA ALA D 134 -11.42 -24.03 3.26
C ALA D 134 -10.50 -25.22 3.54
N LEU D 135 -9.36 -25.29 2.82
CA LEU D 135 -8.33 -26.33 3.08
C LEU D 135 -7.65 -26.17 4.41
N ALA D 136 -7.34 -24.92 4.78
CA ALA D 136 -6.77 -24.61 6.09
C ALA D 136 -7.64 -25.19 7.23
N LYS D 137 -8.93 -24.92 7.18
CA LYS D 137 -9.85 -25.29 8.23
C LYS D 137 -9.97 -26.84 8.35
N ALA D 138 -10.09 -27.52 7.21
CA ALA D 138 -10.16 -28.99 7.16
C ALA D 138 -8.84 -29.66 7.59
N ALA D 139 -7.71 -28.97 7.37
CA ALA D 139 -6.39 -29.43 7.82
C ALA D 139 -6.14 -29.17 9.31
N LEU D 140 -6.84 -28.19 9.89
CA LEU D 140 -6.45 -27.66 11.21
C LEU D 140 -6.25 -28.77 12.29
N PRO D 141 -7.18 -29.73 12.41
CA PRO D 141 -6.97 -30.78 13.45
C PRO D 141 -5.68 -31.63 13.32
N MET D 142 -5.05 -31.70 12.14
CA MET D 142 -3.77 -32.39 12.03
C MET D 142 -2.55 -31.48 11.76
N LEU D 143 -2.74 -30.17 11.77
CA LEU D 143 -1.62 -29.25 11.57
C LEU D 143 -0.68 -29.26 12.77
N SER D 144 0.61 -29.28 12.49
CA SER D 144 1.60 -29.17 13.50
C SER D 144 1.61 -27.70 14.01
N ASP D 145 2.10 -27.50 15.22
CA ASP D 145 2.02 -26.18 15.82
C ASP D 145 2.87 -25.16 15.09
N ASP D 146 3.91 -25.59 14.38
CA ASP D 146 4.75 -24.65 13.60
C ASP D 146 4.52 -24.80 12.09
N ALA D 147 3.33 -25.24 11.70
CA ALA D 147 3.06 -25.48 10.28
C ALA D 147 3.09 -24.14 9.52
N SER D 148 3.21 -24.22 8.20
CA SER D 148 3.24 -23.04 7.32
C SER D 148 2.34 -23.25 6.11
N LEU D 149 1.39 -22.34 5.89
CA LEU D 149 0.49 -22.43 4.73
C LEU D 149 0.86 -21.36 3.70
N LEU D 150 0.92 -21.77 2.44
CA LEU D 150 1.36 -20.89 1.38
C LEU D 150 0.37 -20.90 0.24
N THR D 151 0.03 -19.71 -0.26
CA THR D 151 -0.77 -19.59 -1.46
C THR D 151 -0.06 -18.73 -2.51
N LEU D 152 -0.57 -18.76 -3.74
CA LEU D 152 0.09 -18.06 -4.85
C LEU D 152 -0.82 -16.93 -5.33
N SER D 153 -0.26 -15.75 -5.54
CA SER D 153 -1.11 -14.63 -6.02
C SER D 153 -0.41 -13.94 -7.16
N TYR D 154 -0.94 -12.78 -7.54
CA TYR D 154 -0.46 -12.02 -8.70
C TYR D 154 -0.73 -10.52 -8.51
N LEU D 155 0.09 -9.70 -9.13
CA LEU D 155 0.05 -8.24 -9.00
C LEU D 155 -1.32 -7.65 -9.38
N GLY D 156 -2.09 -8.38 -10.22
CA GLY D 156 -3.38 -7.94 -10.66
C GLY D 156 -4.39 -7.82 -9.53
N ALA D 157 -4.03 -8.35 -8.36
CA ALA D 157 -4.81 -8.16 -7.14
C ALA D 157 -4.69 -6.74 -6.62
N GLU D 158 -3.57 -6.08 -6.88
CA GLU D 158 -3.23 -4.84 -6.25
C GLU D 158 -3.51 -3.69 -7.20
N ARG D 159 -3.16 -3.89 -8.47
CA ARG D 159 -3.39 -2.92 -9.52
C ARG D 159 -4.06 -3.58 -10.72
N ALA D 160 -4.76 -2.78 -11.52
CA ALA D 160 -5.51 -3.32 -12.66
C ALA D 160 -4.58 -3.60 -13.80
N ILE D 161 -4.58 -4.86 -14.22
CA ILE D 161 -3.69 -5.38 -15.28
C ILE D 161 -4.60 -5.82 -16.42
N PRO D 162 -4.28 -5.43 -17.67
CA PRO D 162 -5.13 -5.79 -18.80
C PRO D 162 -5.43 -7.26 -18.84
N ASN D 163 -6.72 -7.52 -19.08
CA ASN D 163 -7.27 -8.85 -19.22
C ASN D 163 -7.44 -9.66 -17.94
N TYR D 164 -6.86 -9.24 -16.83
CA TYR D 164 -6.84 -10.10 -15.65
C TYR D 164 -8.24 -10.13 -14.99
N ASN D 165 -8.91 -9.00 -15.10
CA ASN D 165 -10.34 -8.88 -14.89
C ASN D 165 -10.81 -9.60 -13.61
N THR D 166 -11.74 -10.54 -13.72
CA THR D 166 -12.41 -11.08 -12.56
C THR D 166 -11.43 -11.77 -11.59
N MET D 167 -10.35 -12.32 -12.13
CA MET D 167 -9.33 -12.96 -11.33
C MET D 167 -8.65 -11.95 -10.42
N GLY D 168 -8.52 -10.70 -10.86
CA GLY D 168 -7.94 -9.64 -9.99
C GLY D 168 -8.74 -9.45 -8.68
N LEU D 169 -10.07 -9.51 -8.80
CA LEU D 169 -10.99 -9.47 -7.66
C LEU D 169 -10.80 -10.69 -6.75
N ALA D 170 -10.77 -11.90 -7.34
CA ALA D 170 -10.55 -13.13 -6.56
C ALA D 170 -9.19 -13.18 -5.86
N LYS D 171 -8.14 -12.76 -6.53
CA LYS D 171 -6.82 -12.69 -5.88
C LYS D 171 -6.78 -11.66 -4.74
N ALA D 172 -7.51 -10.55 -4.88
CA ALA D 172 -7.62 -9.56 -3.79
C ALA D 172 -8.27 -10.24 -2.55
N ALA D 173 -9.33 -10.99 -2.77
CA ALA D 173 -10.03 -11.72 -1.71
C ALA D 173 -9.07 -12.75 -1.05
N LEU D 174 -8.27 -13.44 -1.88
CA LEU D 174 -7.29 -14.44 -1.43
C LEU D 174 -6.22 -13.83 -0.55
N GLU D 175 -5.64 -12.73 -1.01
CA GLU D 175 -4.69 -11.98 -0.21
C GLU D 175 -5.30 -11.52 1.16
N ALA D 176 -6.52 -11.05 1.15
CA ALA D 176 -7.18 -10.73 2.42
C ALA D 176 -7.32 -11.99 3.26
N SER D 177 -7.67 -13.14 2.66
CA SER D 177 -7.76 -14.39 3.41
C SER D 177 -6.44 -14.75 4.11
N VAL D 178 -5.29 -14.34 3.53
CA VAL D 178 -3.97 -14.60 4.10
C VAL D 178 -3.87 -13.91 5.46
N ARG D 179 -4.33 -12.66 5.51
CA ARG D 179 -4.30 -11.87 6.77
C ARG D 179 -5.27 -12.42 7.83
N TYR D 180 -6.50 -12.73 7.43
CA TYR D 180 -7.51 -13.36 8.39
C TYR D 180 -7.14 -14.76 8.91
N LEU D 181 -6.66 -15.63 8.02
CA LEU D 181 -6.09 -16.90 8.41
C LEU D 181 -4.92 -16.72 9.33
N ALA D 182 -3.99 -15.79 9.02
CA ALA D 182 -2.84 -15.62 9.90
C ALA D 182 -3.29 -15.30 11.31
N VAL D 183 -4.30 -14.45 11.47
CA VAL D 183 -4.78 -14.14 12.80
C VAL D 183 -5.47 -15.36 13.43
N SER D 184 -6.31 -16.04 12.66
CA SER D 184 -7.05 -17.20 13.20
C SER D 184 -6.15 -18.35 13.70
N LEU D 185 -5.08 -18.63 12.95
CA LEU D 185 -4.21 -19.77 13.18
C LEU D 185 -2.91 -19.42 13.91
N GLY D 186 -2.61 -18.13 14.03
CA GLY D 186 -1.34 -17.70 14.62
C GLY D 186 -1.10 -17.99 16.13
N ALA D 187 -2.12 -18.00 16.97
CA ALA D 187 -1.89 -18.27 18.40
C ALA D 187 -1.35 -19.69 18.61
N LYS D 188 -1.84 -20.62 17.79
CA LYS D 188 -1.34 -21.97 17.76
C LYS D 188 0.12 -21.99 17.35
N GLY D 189 0.49 -21.08 16.46
CA GLY D 189 1.84 -21.00 15.94
C GLY D 189 1.96 -21.17 14.43
N VAL D 190 0.84 -21.38 13.76
CA VAL D 190 0.86 -21.59 12.30
C VAL D 190 1.03 -20.25 11.57
N ARG D 191 1.86 -20.27 10.53
CA ARG D 191 2.13 -19.10 9.71
C ARG D 191 1.40 -19.22 8.37
N VAL D 192 0.96 -18.09 7.81
CA VAL D 192 0.16 -18.08 6.55
C VAL D 192 0.67 -16.95 5.65
N ASN D 193 1.13 -17.29 4.46
CA ASN D 193 1.77 -16.30 3.56
C ASN D 193 1.31 -16.54 2.12
N ALA D 194 1.57 -15.56 1.25
CA ALA D 194 1.38 -15.68 -0.20
C ALA D 194 2.65 -15.25 -0.91
N ILE D 195 2.93 -15.83 -2.08
CA ILE D 195 3.93 -15.28 -2.97
C ILE D 195 3.16 -14.68 -4.13
N SER D 196 3.48 -13.42 -4.46
CA SER D 196 2.89 -12.80 -5.62
C SER D 196 3.93 -12.95 -6.70
N ALA D 197 3.70 -13.91 -7.58
CA ALA D 197 4.69 -14.34 -8.55
C ALA D 197 4.52 -13.55 -9.85
N GLY D 198 5.64 -13.27 -10.51
CA GLY D 198 5.61 -12.64 -11.81
C GLY D 198 5.16 -13.69 -12.81
N PRO D 199 4.85 -13.25 -14.04
CA PRO D 199 4.47 -14.20 -15.08
C PRO D 199 5.64 -15.11 -15.44
N ILE D 200 5.38 -16.37 -15.78
CA ILE D 200 6.49 -17.29 -16.15
C ILE D 200 6.45 -17.71 -17.64
N LYS D 201 7.64 -17.68 -18.28
CA LYS D 201 7.78 -17.88 -19.76
C LYS D 201 7.48 -19.31 -20.23
N SER D 210 -0.82 -12.28 -26.71
CA SER D 210 -1.34 -11.49 -25.59
C SER D 210 -0.46 -11.57 -24.33
N PHE D 211 -0.04 -12.80 -23.98
CA PHE D 211 0.82 -13.05 -22.82
C PHE D 211 2.26 -12.80 -23.17
N GLY D 212 2.61 -13.12 -24.41
CA GLY D 212 3.91 -12.73 -24.97
C GLY D 212 4.19 -11.26 -24.74
N LYS D 213 3.16 -10.42 -24.84
CA LYS D 213 3.33 -8.98 -24.69
C LYS D 213 3.68 -8.72 -23.23
N ILE D 214 2.99 -9.41 -22.34
CA ILE D 214 3.18 -9.21 -20.90
C ILE D 214 4.59 -9.60 -20.54
N LEU D 215 5.03 -10.80 -20.97
CA LEU D 215 6.38 -11.28 -20.68
C LEU D 215 7.42 -10.36 -21.28
N ASP D 216 7.17 -9.87 -22.49
CA ASP D 216 8.13 -8.95 -23.09
C ASP D 216 8.28 -7.67 -22.29
N PHE D 217 7.16 -7.12 -21.85
CA PHE D 217 7.15 -5.88 -21.09
C PHE D 217 7.89 -6.06 -19.73
N VAL D 218 7.60 -7.14 -19.02
CA VAL D 218 8.28 -7.44 -17.75
C VAL D 218 9.78 -7.59 -17.98
N GLU D 219 10.18 -8.36 -19.00
CA GLU D 219 11.60 -8.49 -19.30
C GLU D 219 12.26 -7.14 -19.63
N SER D 220 11.55 -6.23 -20.29
CA SER D 220 12.11 -4.89 -20.61
C SER D 220 12.11 -3.90 -19.44
N ASN D 221 11.12 -4.00 -18.56
CA ASN D 221 10.91 -2.96 -17.55
C ASN D 221 11.18 -3.35 -16.07
N SER D 222 11.29 -4.64 -15.78
CA SER D 222 11.64 -5.05 -14.40
C SER D 222 13.05 -4.56 -14.02
N PRO D 223 13.26 -4.26 -12.75
CA PRO D 223 14.60 -3.88 -12.33
C PRO D 223 15.71 -4.88 -12.76
N LEU D 224 15.42 -6.18 -12.69
CA LEU D 224 16.45 -7.20 -13.05
C LEU D 224 16.42 -7.59 -14.54
N LYS D 225 15.54 -6.95 -15.29
CA LYS D 225 15.43 -7.14 -16.73
C LYS D 225 15.35 -8.61 -17.17
N ARG D 226 14.50 -9.37 -16.50
CA ARG D 226 14.30 -10.79 -16.77
C ARG D 226 12.97 -11.21 -16.15
N ASN D 227 12.37 -12.27 -16.69
CA ASN D 227 11.22 -12.85 -16.05
C ASN D 227 11.66 -13.82 -14.96
N VAL D 228 10.81 -14.07 -13.97
CA VAL D 228 11.12 -15.02 -12.90
C VAL D 228 10.94 -16.41 -13.45
N THR D 229 11.67 -17.36 -12.85
CA THR D 229 11.60 -18.79 -13.24
C THR D 229 10.83 -19.53 -12.16
N ILE D 230 10.29 -20.71 -12.48
CA ILE D 230 9.67 -21.50 -11.41
C ILE D 230 10.69 -21.93 -10.35
N GLU D 231 11.97 -22.01 -10.69
CA GLU D 231 13.01 -22.30 -9.68
C GLU D 231 13.16 -21.18 -8.61
N GLN D 232 13.14 -19.92 -9.07
CA GLN D 232 13.15 -18.73 -8.17
C GLN D 232 11.90 -18.63 -7.32
N VAL D 233 10.74 -18.88 -7.90
CA VAL D 233 9.48 -18.93 -7.09
C VAL D 233 9.49 -20.11 -6.11
N GLY D 234 10.09 -21.24 -6.54
CA GLY D 234 10.19 -22.41 -5.73
C GLY D 234 11.05 -22.25 -4.49
N ASN D 235 12.22 -21.66 -4.67
CA ASN D 235 13.11 -21.35 -3.56
C ASN D 235 12.51 -20.38 -2.56
N ALA D 236 11.76 -19.41 -3.04
CA ALA D 236 11.03 -18.45 -2.13
C ALA D 236 9.95 -19.19 -1.34
N GLY D 237 9.28 -20.10 -2.05
CA GLY D 237 8.27 -20.91 -1.42
C GLY D 237 8.83 -21.81 -0.33
N ALA D 238 9.91 -22.54 -0.65
CA ALA D 238 10.60 -23.40 0.32
C ALA D 238 11.06 -22.62 1.56
N PHE D 239 11.60 -21.42 1.34
CA PHE D 239 11.94 -20.49 2.46
C PHE D 239 10.72 -20.24 3.38
N LEU D 240 9.61 -19.79 2.79
CA LEU D 240 8.41 -19.43 3.56
C LEU D 240 7.81 -20.65 4.29
N LEU D 241 8.06 -21.84 3.72
CA LEU D 241 7.56 -23.08 4.29
C LEU D 241 8.41 -23.54 5.43
N SER D 242 9.63 -23.00 5.55
CA SER D 242 10.61 -23.37 6.55
C SER D 242 10.68 -22.50 7.80
N ASP D 243 11.43 -23.02 8.77
CA ASP D 243 11.65 -22.37 10.05
C ASP D 243 12.56 -21.17 9.89
N LEU D 244 13.29 -21.13 8.77
CA LEU D 244 14.03 -19.92 8.42
C LEU D 244 13.08 -18.71 8.37
N ALA D 245 11.81 -18.92 8.01
CA ALA D 245 10.78 -17.85 7.92
C ALA D 245 9.88 -17.79 9.12
N SER D 246 10.32 -18.27 10.28
CA SER D 246 9.42 -18.35 11.42
C SER D 246 8.96 -16.98 11.95
N GLY D 247 9.62 -15.88 11.54
CA GLY D 247 9.19 -14.56 11.94
C GLY D 247 8.21 -13.93 10.93
N VAL D 248 7.91 -14.66 9.86
CA VAL D 248 7.13 -14.13 8.70
C VAL D 248 5.72 -14.77 8.63
N THR D 249 4.70 -13.95 8.80
CA THR D 249 3.32 -14.35 8.58
C THR D 249 2.47 -13.17 8.13
N ALA D 250 1.34 -13.46 7.50
CA ALA D 250 0.43 -12.47 6.93
C ALA D 250 1.08 -11.67 5.79
N GLU D 251 2.10 -12.23 5.14
CA GLU D 251 2.95 -11.47 4.19
C GLU D 251 2.56 -11.88 2.77
N VAL D 252 2.59 -10.93 1.84
CA VAL D 252 2.45 -11.22 0.41
C VAL D 252 3.80 -10.81 -0.11
N MET D 253 4.67 -11.79 -0.40
CA MET D 253 6.03 -11.57 -0.85
C MET D 253 6.08 -11.49 -2.37
N HIS D 254 6.63 -10.44 -2.95
CA HIS D 254 6.72 -10.39 -4.41
C HIS D 254 7.97 -11.15 -4.86
N VAL D 255 7.77 -12.13 -5.78
CA VAL D 255 8.87 -12.80 -6.45
C VAL D 255 8.62 -12.58 -7.95
N ASP D 256 9.13 -11.46 -8.45
CA ASP D 256 8.73 -10.95 -9.78
C ASP D 256 9.78 -10.07 -10.42
N SER D 257 11.06 -10.29 -10.06
CA SER D 257 12.24 -9.49 -10.50
C SER D 257 12.15 -7.96 -10.23
N GLY D 258 11.36 -7.57 -9.22
CA GLY D 258 11.16 -6.15 -8.88
C GLY D 258 10.05 -5.42 -9.66
N PHE D 259 9.33 -6.15 -10.52
CA PHE D 259 8.39 -5.48 -11.43
C PHE D 259 7.31 -4.66 -10.71
N ASN D 260 6.77 -5.19 -9.62
CA ASN D 260 5.71 -4.49 -8.88
C ASN D 260 6.06 -3.09 -8.39
N ALA D 261 7.36 -2.85 -8.21
CA ALA D 261 7.91 -1.66 -7.59
C ALA D 261 8.23 -0.50 -8.53
N VAL D 262 7.96 -0.67 -9.83
CA VAL D 262 8.31 0.35 -10.83
C VAL D 262 7.07 0.78 -11.60
N VAL D 263 7.16 1.93 -12.26
CA VAL D 263 6.19 2.34 -13.31
C VAL D 263 6.90 2.12 -14.65
N GLY D 264 6.70 0.98 -15.29
CA GLY D 264 7.44 0.65 -16.52
C GLY D 264 6.93 1.33 -17.78
N GLY D 265 7.81 1.48 -18.77
CA GLY D 265 7.38 1.79 -20.12
C GLY D 265 7.28 3.25 -20.52
N MET D 266 7.77 4.15 -19.68
CA MET D 266 7.72 5.60 -19.92
C MET D 266 9.03 6.23 -20.42
CL CL E . 21.66 13.38 20.59
#